data_2FUL
#
_entry.id   2FUL
#
_cell.length_a   44.849
_cell.length_b   64.536
_cell.length_c   108.916
_cell.angle_alpha   88.60
_cell.angle_beta   86.57
_cell.angle_gamma   74.93
#
_symmetry.space_group_name_H-M   'P 1'
#
loop_
_entity.id
_entity.type
_entity.pdbx_description
1 polymer 'Eukaryotic translation initiation factor 5'
2 non-polymer 'SULFATE ION'
3 water water
#
_entity_poly.entity_id   1
_entity_poly.type   'polypeptide(L)'
_entity_poly.pdbx_seq_one_letter_code
;GSPEFVNSELTQLDEYGEWILEQAGEDKENLPSDVELYKKAAELDVLNDPKIGCVLAQCLFDEDIVNEIAEHNAFFTKIL
VTPEYEKNFMGGIERFLGLEHKDLIPLLPKILVQLYNNDIISEEEIMRFGTKSSKKFVPKEVSKKVRRAAKPFITWLETA
ESDDDEEDDELERPHRD
;
_entity_poly.pdbx_strand_id   A,B,C,D,E,F
#
# COMPACT_ATOMS: atom_id res chain seq x y z
N SER A 2 -36.71 5.66 -14.84
CA SER A 2 -36.69 7.08 -14.37
C SER A 2 -37.26 7.27 -12.95
N PRO A 3 -38.54 6.90 -12.73
CA PRO A 3 -39.11 7.15 -11.41
C PRO A 3 -38.73 6.10 -10.36
N GLU A 4 -38.74 6.50 -9.09
CA GLU A 4 -38.62 5.57 -7.98
C GLU A 4 -39.91 4.78 -7.92
N PHE A 5 -39.81 3.48 -7.65
CA PHE A 5 -40.99 2.60 -7.67
C PHE A 5 -41.64 2.40 -6.30
N VAL A 6 -40.88 2.58 -5.23
CA VAL A 6 -41.33 2.27 -3.87
C VAL A 6 -41.14 3.51 -2.99
N ASN A 7 -42.21 3.93 -2.30
CA ASN A 7 -42.22 5.16 -1.50
C ASN A 7 -41.52 5.05 -0.13
N SER A 8 -40.89 6.16 0.27
CA SER A 8 -40.25 6.29 1.58
CA SER A 8 -40.23 6.29 1.58
C SER A 8 -40.13 7.77 1.94
N GLU A 9 -39.74 8.07 3.18
CA GLU A 9 -39.52 9.47 3.57
C GLU A 9 -38.47 10.13 2.69
N LEU A 10 -37.41 9.35 2.39
CA LEU A 10 -36.36 9.79 1.47
C LEU A 10 -36.86 9.99 0.05
N THR A 11 -37.70 9.07 -0.47
CA THR A 11 -38.22 9.30 -1.83
C THR A 11 -39.11 10.56 -1.90
N GLN A 12 -39.85 10.85 -0.84
CA GLN A 12 -40.64 12.10 -0.81
C GLN A 12 -39.76 13.34 -0.87
N LEU A 13 -38.65 13.32 -0.13
CA LEU A 13 -37.66 14.40 -0.20
C LEU A 13 -37.08 14.49 -1.60
N ASP A 14 -36.73 13.33 -2.17
CA ASP A 14 -36.22 13.31 -3.55
C ASP A 14 -37.22 13.88 -4.54
N GLU A 15 -38.49 13.51 -4.39
CA GLU A 15 -39.49 14.01 -5.31
CA GLU A 15 -39.58 14.00 -5.24
C GLU A 15 -39.67 15.51 -5.20
N TYR A 16 -39.59 16.05 -3.99
CA TYR A 16 -39.65 17.50 -3.78
C TYR A 16 -38.48 18.20 -4.47
N GLY A 17 -37.27 17.72 -4.22
CA GLY A 17 -36.06 18.32 -4.81
C GLY A 17 -36.06 18.21 -6.33
N GLU A 18 -36.41 17.03 -6.86
CA GLU A 18 -36.43 16.84 -8.30
C GLU A 18 -37.47 17.75 -8.98
N TRP A 19 -38.59 17.98 -8.30
CA TRP A 19 -39.63 18.89 -8.81
C TRP A 19 -39.08 20.32 -8.87
N ILE A 20 -38.39 20.74 -7.82
CA ILE A 20 -37.77 22.08 -7.85
C ILE A 20 -36.80 22.18 -9.02
N LEU A 21 -35.92 21.21 -9.17
CA LEU A 21 -34.87 21.25 -10.21
C LEU A 21 -35.45 21.33 -11.61
N GLU A 22 -36.47 20.50 -11.87
CA GLU A 22 -37.12 20.43 -13.18
C GLU A 22 -37.88 21.72 -13.47
N GLN A 23 -38.59 22.24 -12.48
CA GLN A 23 -39.34 23.47 -12.67
C GLN A 23 -38.40 24.64 -12.95
N ALA A 24 -37.29 24.70 -12.20
CA ALA A 24 -36.48 25.92 -12.11
C ALA A 24 -35.67 26.28 -13.35
N GLY A 25 -35.22 25.28 -14.09
CA GLY A 25 -34.33 25.50 -15.23
C GLY A 25 -32.88 25.59 -14.80
N GLU A 26 -31.98 25.53 -15.78
CA GLU A 26 -30.53 25.52 -15.56
C GLU A 26 -30.03 26.79 -14.84
N ASP A 27 -30.64 27.94 -15.14
CA ASP A 27 -30.23 29.20 -14.52
C ASP A 27 -31.18 29.67 -13.42
N LYS A 28 -31.99 28.73 -12.92
CA LYS A 28 -33.02 29.00 -11.92
C LYS A 28 -33.95 30.13 -12.36
N GLU A 29 -34.19 30.23 -13.66
CA GLU A 29 -34.97 31.33 -14.23
C GLU A 29 -36.46 31.15 -14.02
N ASN A 30 -36.87 29.92 -13.72
CA ASN A 30 -38.29 29.59 -13.55
C ASN A 30 -38.56 28.94 -12.19
N LEU A 31 -37.81 29.34 -11.17
CA LEU A 31 -38.05 28.86 -9.81
C LEU A 31 -39.50 29.07 -9.43
N PRO A 32 -40.15 28.02 -8.88
CA PRO A 32 -41.49 28.23 -8.32
C PRO A 32 -41.44 29.33 -7.25
N SER A 33 -42.55 30.05 -7.11
CA SER A 33 -42.63 31.13 -6.13
C SER A 33 -42.49 30.54 -4.75
N ASP A 34 -42.12 31.35 -3.76
CA ASP A 34 -42.06 30.86 -2.39
C ASP A 34 -43.41 30.29 -1.89
N VAL A 35 -44.52 30.87 -2.35
CA VAL A 35 -45.83 30.31 -2.03
C VAL A 35 -45.97 28.90 -2.61
N GLU A 36 -45.58 28.73 -3.87
CA GLU A 36 -45.63 27.42 -4.54
C GLU A 36 -44.67 26.40 -3.88
N LEU A 37 -43.49 26.86 -3.47
CA LEU A 37 -42.52 25.97 -2.81
C LEU A 37 -43.10 25.44 -1.50
N TYR A 38 -43.77 26.30 -0.74
CA TYR A 38 -44.33 25.90 0.54
C TYR A 38 -45.51 24.94 0.35
N LYS A 39 -46.40 25.28 -0.57
CA LYS A 39 -47.57 24.44 -0.83
C LYS A 39 -47.17 23.05 -1.33
N LYS A 40 -46.13 22.99 -2.16
CA LYS A 40 -45.67 21.69 -2.66
C LYS A 40 -45.05 20.86 -1.53
N ALA A 41 -44.31 21.52 -0.64
CA ALA A 41 -43.76 20.85 0.54
C ALA A 41 -44.86 20.23 1.40
N ALA A 42 -45.98 20.96 1.54
CA ALA A 42 -47.13 20.46 2.27
C ALA A 42 -47.74 19.27 1.54
N GLU A 43 -47.91 19.41 0.22
CA GLU A 43 -48.50 18.34 -0.62
C GLU A 43 -47.71 17.03 -0.51
N LEU A 44 -46.39 17.16 -0.55
CA LEU A 44 -45.50 15.99 -0.54
C LEU A 44 -45.14 15.53 0.88
N ASP A 45 -45.71 16.21 1.87
CA ASP A 45 -45.55 15.84 3.28
C ASP A 45 -44.08 15.86 3.72
N VAL A 46 -43.35 16.91 3.35
CA VAL A 46 -41.94 17.02 3.73
C VAL A 46 -41.69 18.19 4.70
N LEU A 47 -42.73 18.95 5.05
CA LEU A 47 -42.54 20.08 5.98
C LEU A 47 -42.04 19.60 7.35
N ASN A 48 -42.48 18.41 7.74
CA ASN A 48 -42.15 17.85 9.05
CA ASN A 48 -42.14 17.87 9.06
C ASN A 48 -40.81 17.12 9.12
N ASP A 49 -40.03 17.20 8.03
CA ASP A 49 -38.75 16.52 7.96
C ASP A 49 -37.63 17.56 7.94
N PRO A 50 -36.81 17.63 9.00
CA PRO A 50 -35.72 18.61 9.04
C PRO A 50 -34.81 18.53 7.82
N LYS A 51 -34.77 17.38 7.15
CA LYS A 51 -33.93 17.21 5.96
CA LYS A 51 -33.90 17.24 5.98
C LYS A 51 -34.40 18.07 4.80
N ILE A 52 -35.61 18.62 4.91
CA ILE A 52 -36.09 19.52 3.87
C ILE A 52 -35.09 20.69 3.69
N GLY A 53 -34.43 21.08 4.78
CA GLY A 53 -33.46 22.18 4.69
C GLY A 53 -32.31 21.81 3.77
N CYS A 54 -31.89 20.56 3.87
CA CYS A 54 -30.82 20.04 3.05
C CYS A 54 -31.18 20.03 1.55
N VAL A 55 -32.39 19.55 1.24
CA VAL A 55 -32.87 19.55 -0.14
C VAL A 55 -32.94 20.97 -0.71
N LEU A 56 -33.55 21.89 0.02
CA LEU A 56 -33.68 23.27 -0.47
C LEU A 56 -32.34 23.89 -0.81
N ALA A 57 -31.35 23.72 0.08
CA ALA A 57 -30.01 24.31 -0.14
C ALA A 57 -29.32 23.79 -1.39
N GLN A 58 -29.68 22.57 -1.81
CA GLN A 58 -29.11 21.94 -3.02
C GLN A 58 -29.87 22.22 -4.31
N CYS A 59 -31.09 22.76 -4.21
CA CYS A 59 -31.97 22.90 -5.36
C CYS A 59 -32.30 24.33 -5.77
N LEU A 60 -32.25 25.26 -4.83
CA LEU A 60 -32.71 26.62 -5.13
C LEU A 60 -31.69 27.46 -5.86
N PHE A 61 -30.41 27.11 -5.72
CA PHE A 61 -29.31 28.05 -6.07
C PHE A 61 -28.37 27.58 -7.18
N ASP A 62 -27.72 28.54 -7.82
CA ASP A 62 -26.66 28.27 -8.77
C ASP A 62 -25.48 29.19 -8.49
N GLU A 63 -24.69 29.54 -9.51
CA GLU A 63 -23.52 30.40 -9.29
C GLU A 63 -23.86 31.78 -8.71
N ASP A 64 -25.14 32.18 -8.83
CA ASP A 64 -25.61 33.46 -8.30
C ASP A 64 -26.14 33.32 -6.87
N ILE A 65 -25.72 32.25 -6.20
CA ILE A 65 -26.15 31.99 -4.83
C ILE A 65 -26.06 33.19 -3.87
N VAL A 66 -24.99 33.98 -3.94
CA VAL A 66 -24.89 35.13 -3.01
C VAL A 66 -26.09 36.07 -3.17
N ASN A 67 -26.51 36.27 -4.41
CA ASN A 67 -27.63 37.17 -4.72
C ASN A 67 -28.99 36.55 -4.50
N GLU A 68 -29.04 35.22 -4.38
CA GLU A 68 -30.30 34.48 -4.32
C GLU A 68 -30.65 34.10 -2.89
N ILE A 69 -29.63 33.85 -2.08
CA ILE A 69 -29.87 33.22 -0.78
C ILE A 69 -30.64 34.10 0.21
N ALA A 70 -30.64 35.43 -0.02
CA ALA A 70 -31.39 36.36 0.85
C ALA A 70 -32.74 36.79 0.23
N GLU A 71 -33.17 36.06 -0.80
CA GLU A 71 -34.39 36.41 -1.53
C GLU A 71 -35.60 35.56 -1.13
N HIS A 72 -35.47 34.79 -0.04
CA HIS A 72 -36.53 33.89 0.39
C HIS A 72 -36.75 33.96 1.91
N ASN A 73 -36.58 35.14 2.50
CA ASN A 73 -36.57 35.24 3.95
C ASN A 73 -37.84 34.75 4.61
N ALA A 74 -39.01 35.24 4.16
CA ALA A 74 -40.25 34.80 4.82
C ALA A 74 -40.45 33.29 4.70
N PHE A 75 -40.14 32.77 3.54
CA PHE A 75 -40.24 31.33 3.28
C PHE A 75 -39.35 30.57 4.25
N PHE A 76 -38.09 30.98 4.41
CA PHE A 76 -37.23 30.25 5.36
C PHE A 76 -37.72 30.38 6.81
N THR A 77 -38.31 31.52 7.19
CA THR A 77 -38.88 31.60 8.55
C THR A 77 -40.01 30.60 8.77
N LYS A 78 -40.75 30.30 7.70
CA LYS A 78 -41.90 29.39 7.79
C LYS A 78 -41.49 27.92 7.73
N ILE A 79 -40.34 27.65 7.09
CA ILE A 79 -39.83 26.29 6.77
CA ILE A 79 -39.96 26.27 6.89
C ILE A 79 -38.81 25.78 7.78
N LEU A 80 -37.82 26.62 8.06
CA LEU A 80 -36.69 26.18 8.88
C LEU A 80 -37.06 26.41 10.34
N VAL A 81 -37.95 25.53 10.83
CA VAL A 81 -38.66 25.81 12.08
C VAL A 81 -37.94 25.42 13.36
N THR A 82 -36.82 24.72 13.26
CA THR A 82 -35.96 24.45 14.41
C THR A 82 -34.49 24.54 14.01
N PRO A 83 -33.60 24.60 15.01
CA PRO A 83 -32.16 24.56 14.68
C PRO A 83 -31.71 23.32 13.90
N GLU A 84 -32.43 22.20 14.00
CA GLU A 84 -32.06 21.03 13.21
CA GLU A 84 -32.10 21.02 13.21
C GLU A 84 -32.33 21.27 11.71
N TYR A 85 -33.38 22.04 11.41
CA TYR A 85 -33.63 22.39 10.01
C TYR A 85 -32.48 23.28 9.50
N GLU A 86 -32.01 24.19 10.35
CA GLU A 86 -30.88 25.06 9.98
C GLU A 86 -29.60 24.25 9.78
N LYS A 87 -29.35 23.30 10.68
CA LYS A 87 -28.18 22.44 10.55
C LYS A 87 -28.20 21.69 9.21
N ASN A 88 -29.40 21.19 8.85
CA ASN A 88 -29.55 20.46 7.58
C ASN A 88 -29.39 21.41 6.40
N PHE A 89 -29.91 22.65 6.51
CA PHE A 89 -29.69 23.64 5.44
C PHE A 89 -28.17 23.85 5.23
N MET A 90 -27.42 24.02 6.31
CA MET A 90 -25.98 24.15 6.15
C MET A 90 -25.34 22.91 5.51
N GLY A 91 -25.84 21.72 5.87
CA GLY A 91 -25.38 20.48 5.22
C GLY A 91 -25.65 20.48 3.73
N GLY A 92 -26.80 21.02 3.34
CA GLY A 92 -27.11 21.11 1.91
C GLY A 92 -26.17 22.07 1.20
N ILE A 93 -25.84 23.20 1.84
CA ILE A 93 -24.82 24.10 1.29
C ILE A 93 -23.49 23.38 1.12
N GLU A 94 -23.16 22.54 2.10
CA GLU A 94 -21.92 21.77 2.05
C GLU A 94 -21.90 20.80 0.85
N ARG A 95 -23.03 20.14 0.62
CA ARG A 95 -23.11 19.22 -0.51
C ARG A 95 -23.07 20.01 -1.83
N PHE A 96 -23.82 21.11 -1.88
CA PHE A 96 -23.85 21.99 -3.05
C PHE A 96 -22.44 22.47 -3.42
N LEU A 97 -21.71 23.02 -2.45
CA LEU A 97 -20.37 23.53 -2.73
C LEU A 97 -19.32 22.44 -2.91
N GLY A 98 -19.41 21.39 -2.09
CA GLY A 98 -18.33 20.41 -1.99
C GLY A 98 -18.33 19.35 -3.07
N LEU A 99 -19.52 18.99 -3.54
CA LEU A 99 -19.60 17.89 -4.49
C LEU A 99 -19.65 18.35 -5.93
N GLU A 100 -20.60 19.24 -6.26
CA GLU A 100 -20.83 19.56 -7.68
C GLU A 100 -20.48 20.99 -8.10
N HIS A 101 -20.18 21.85 -7.13
CA HIS A 101 -19.82 23.22 -7.47
C HIS A 101 -18.58 23.70 -6.72
N LYS A 102 -17.49 22.94 -6.83
CA LYS A 102 -16.27 23.26 -6.07
C LYS A 102 -15.71 24.63 -6.40
N ASP A 103 -15.93 25.11 -7.62
CA ASP A 103 -15.48 26.45 -8.00
CA ASP A 103 -15.51 26.45 -8.02
C ASP A 103 -16.15 27.56 -7.18
N LEU A 104 -17.26 27.24 -6.51
CA LEU A 104 -17.99 28.24 -5.72
C LEU A 104 -17.59 28.23 -4.25
N ILE A 105 -16.71 27.31 -3.85
CA ILE A 105 -16.29 27.25 -2.45
C ILE A 105 -15.78 28.60 -1.88
N PRO A 106 -14.99 29.38 -2.66
CA PRO A 106 -14.59 30.72 -2.20
C PRO A 106 -15.73 31.68 -1.86
N LEU A 107 -16.95 31.38 -2.33
CA LEU A 107 -18.10 32.21 -1.95
C LEU A 107 -18.63 31.91 -0.54
N LEU A 108 -18.12 30.86 0.11
CA LEU A 108 -18.71 30.49 1.41
C LEU A 108 -18.76 31.63 2.44
N PRO A 109 -17.65 32.36 2.69
CA PRO A 109 -17.81 33.42 3.71
C PRO A 109 -18.90 34.45 3.37
N LYS A 110 -18.99 34.88 2.10
CA LYS A 110 -20.03 35.83 1.70
C LYS A 110 -21.43 35.21 1.85
N ILE A 111 -21.56 33.91 1.55
CA ILE A 111 -22.82 33.20 1.77
C ILE A 111 -23.17 33.28 3.26
N LEU A 112 -22.18 33.03 4.13
CA LEU A 112 -22.41 33.09 5.57
C LEU A 112 -22.80 34.50 6.02
N VAL A 113 -22.15 35.53 5.47
CA VAL A 113 -22.52 36.91 5.78
C VAL A 113 -24.02 37.13 5.46
N GLN A 114 -24.48 36.62 4.31
CA GLN A 114 -25.89 36.79 3.92
C GLN A 114 -26.80 36.06 4.89
N LEU A 115 -26.42 34.83 5.26
CA LEU A 115 -27.27 34.04 6.18
C LEU A 115 -27.30 34.68 7.55
N TYR A 116 -26.16 35.19 7.99
CA TYR A 116 -26.05 35.86 9.28
C TYR A 116 -26.87 37.16 9.34
N ASN A 117 -26.69 38.02 8.34
CA ASN A 117 -27.37 39.33 8.35
C ASN A 117 -28.89 39.23 8.24
N ASN A 118 -29.35 38.13 7.65
CA ASN A 118 -30.78 37.91 7.48
C ASN A 118 -31.39 36.96 8.52
N ASP A 119 -30.56 36.55 9.51
CA ASP A 119 -30.98 35.63 10.59
C ASP A 119 -31.54 34.33 10.05
N ILE A 120 -31.07 33.92 8.86
CA ILE A 120 -31.55 32.69 8.25
C ILE A 120 -31.01 31.46 8.99
N ILE A 121 -29.73 31.55 9.34
CA ILE A 121 -29.05 30.52 10.14
C ILE A 121 -28.44 31.22 11.37
N SER A 122 -28.55 30.57 12.52
CA SER A 122 -28.07 31.15 13.78
C SER A 122 -26.56 31.22 13.84
N GLU A 123 -26.04 32.11 14.68
CA GLU A 123 -24.62 32.17 14.93
CA GLU A 123 -24.62 32.16 14.96
C GLU A 123 -24.09 30.82 15.43
N GLU A 124 -24.83 30.17 16.33
CA GLU A 124 -24.43 28.87 16.88
C GLU A 124 -24.26 27.84 15.75
N GLU A 125 -25.21 27.81 14.82
CA GLU A 125 -25.13 26.82 13.75
C GLU A 125 -24.01 27.17 12.75
N ILE A 126 -23.79 28.46 12.49
CA ILE A 126 -22.67 28.87 11.64
C ILE A 126 -21.33 28.52 12.31
N MET A 127 -21.24 28.76 13.62
CA MET A 127 -20.02 28.41 14.35
C MET A 127 -19.78 26.92 14.30
N ARG A 128 -20.83 26.11 14.51
CA ARG A 128 -20.69 24.64 14.45
C ARG A 128 -20.13 24.22 13.10
N PHE A 129 -20.69 24.80 12.04
CA PHE A 129 -20.32 24.47 10.68
C PHE A 129 -18.86 24.83 10.41
N GLY A 130 -18.41 25.98 10.92
CA GLY A 130 -17.07 26.49 10.65
C GLY A 130 -15.97 26.05 11.60
N THR A 131 -16.32 25.29 12.64
CA THR A 131 -15.30 24.87 13.61
C THR A 131 -15.08 23.36 13.71
N LYS A 132 -15.99 22.60 13.10
CA LYS A 132 -15.95 21.13 13.15
C LYS A 132 -16.04 20.60 11.74
N SER A 133 -15.37 19.49 11.43
CA SER A 133 -15.70 18.77 10.21
C SER A 133 -16.77 17.75 10.54
N SER A 134 -17.44 17.23 9.53
CA SER A 134 -18.49 16.24 9.71
C SER A 134 -18.57 15.28 8.55
N LYS A 135 -18.88 14.02 8.85
CA LYS A 135 -19.11 13.00 7.81
C LYS A 135 -20.59 12.89 7.47
N LYS A 136 -21.42 13.70 8.11
CA LYS A 136 -22.86 13.51 7.98
C LYS A 136 -23.44 13.88 6.62
N PHE A 137 -22.92 14.93 5.99
CA PHE A 137 -23.47 15.42 4.73
C PHE A 137 -22.60 15.16 3.50
N VAL A 138 -21.30 15.09 3.71
CA VAL A 138 -20.33 14.81 2.65
C VAL A 138 -19.20 13.98 3.25
N PRO A 139 -18.39 13.34 2.39
CA PRO A 139 -17.21 12.65 2.91
C PRO A 139 -16.28 13.59 3.68
N LYS A 140 -15.57 13.03 4.66
CA LYS A 140 -14.73 13.82 5.57
C LYS A 140 -13.79 14.80 4.87
N GLU A 141 -13.11 14.35 3.83
CA GLU A 141 -12.15 15.22 3.13
C GLU A 141 -12.84 16.38 2.44
N VAL A 142 -14.03 16.13 1.87
CA VAL A 142 -14.83 17.17 1.26
C VAL A 142 -15.29 18.18 2.34
N SER A 143 -15.73 17.67 3.49
CA SER A 143 -16.13 18.52 4.62
C SER A 143 -15.01 19.46 5.04
N LYS A 144 -13.80 18.93 5.19
CA LYS A 144 -12.68 19.78 5.58
C LYS A 144 -12.42 20.87 4.55
N LYS A 145 -12.47 20.52 3.27
CA LYS A 145 -12.22 21.51 2.22
C LYS A 145 -13.25 22.64 2.27
N VAL A 146 -14.53 22.27 2.34
CA VAL A 146 -15.58 23.30 2.32
C VAL A 146 -15.51 24.15 3.57
N ARG A 147 -15.45 23.50 4.73
CA ARG A 147 -15.60 24.25 5.98
C ARG A 147 -14.39 25.13 6.28
N ARG A 148 -13.21 24.72 5.81
CA ARG A 148 -12.02 25.55 5.96
C ARG A 148 -12.21 26.92 5.28
N ALA A 149 -13.00 26.96 4.21
CA ALA A 149 -13.26 28.20 3.49
C ALA A 149 -14.08 29.21 4.31
N ALA A 150 -14.76 28.74 5.36
CA ALA A 150 -15.53 29.64 6.24
C ALA A 150 -14.65 30.48 7.16
N LYS A 151 -13.37 30.09 7.31
CA LYS A 151 -12.54 30.65 8.37
C LYS A 151 -12.56 32.18 8.56
N PRO A 152 -12.44 32.98 7.48
CA PRO A 152 -12.44 34.43 7.80
C PRO A 152 -13.71 34.91 8.47
N PHE A 153 -14.87 34.36 8.11
CA PHE A 153 -16.10 34.80 8.75
C PHE A 153 -16.17 34.27 10.19
N ILE A 154 -15.69 33.05 10.41
CA ILE A 154 -15.67 32.49 11.76
C ILE A 154 -14.79 33.36 12.68
N THR A 155 -13.61 33.73 12.22
CA THR A 155 -12.73 34.63 12.97
C THR A 155 -13.41 35.96 13.27
N TRP A 156 -14.14 36.49 12.29
CA TRP A 156 -14.87 37.74 12.49
C TRP A 156 -15.91 37.57 13.60
N LEU A 157 -16.67 36.48 13.56
CA LEU A 157 -17.69 36.24 14.57
C LEU A 157 -17.09 36.16 15.95
N GLU A 158 -15.92 35.51 16.03
CA GLU A 158 -15.25 35.24 17.31
C GLU A 158 -14.68 36.48 17.96
N THR A 159 -14.33 37.47 17.16
CA THR A 159 -13.64 38.63 17.69
C THR A 159 -14.53 39.88 17.67
N ALA A 160 -15.77 39.71 17.20
CA ALA A 160 -16.75 40.79 17.10
C ALA A 160 -17.23 41.22 18.49
N GLU A 170 -20.42 59.83 15.68
CA GLU A 170 -21.73 60.03 15.05
C GLU A 170 -21.70 61.20 14.08
N LEU A 171 -22.16 60.97 12.85
CA LEU A 171 -22.19 61.99 11.81
C LEU A 171 -23.28 63.03 12.10
N GLY B 1 -31.50 0.79 -18.18
CA GLY B 1 -31.24 -0.14 -17.04
C GLY B 1 -31.26 0.57 -15.69
N SER B 2 -30.96 -0.19 -14.64
CA SER B 2 -30.90 0.36 -13.28
C SER B 2 -29.48 0.79 -12.93
N PRO B 3 -29.34 1.98 -12.31
CA PRO B 3 -28.01 2.49 -11.96
C PRO B 3 -27.34 1.80 -10.76
N GLU B 4 -28.08 0.95 -10.04
CA GLU B 4 -27.59 0.36 -8.78
C GLU B 4 -26.34 -0.51 -8.92
N PHE B 5 -25.44 -0.39 -7.95
CA PHE B 5 -24.19 -1.13 -7.93
C PHE B 5 -24.26 -2.32 -6.96
N VAL B 6 -25.33 -2.39 -6.17
CA VAL B 6 -25.58 -3.50 -5.23
C VAL B 6 -26.87 -4.29 -5.46
N ASN B 7 -26.91 -5.48 -4.87
CA ASN B 7 -28.11 -6.30 -4.87
C ASN B 7 -28.83 -6.15 -3.53
N SER B 8 -30.14 -5.92 -3.61
CA SER B 8 -31.05 -5.99 -2.46
C SER B 8 -32.44 -6.29 -3.02
N GLU B 9 -33.38 -6.64 -2.15
CA GLU B 9 -34.76 -6.87 -2.63
C GLU B 9 -35.25 -5.68 -3.44
N LEU B 10 -34.93 -4.47 -2.97
CA LEU B 10 -35.34 -3.25 -3.65
C LEU B 10 -34.60 -2.98 -4.96
N THR B 11 -33.30 -3.25 -5.02
CA THR B 11 -32.62 -3.08 -6.29
C THR B 11 -33.04 -4.16 -7.31
N GLN B 12 -33.49 -5.32 -6.84
CA GLN B 12 -34.00 -6.35 -7.76
C GLN B 12 -35.27 -5.84 -8.43
N LEU B 13 -36.15 -5.22 -7.65
CA LEU B 13 -37.35 -4.59 -8.21
C LEU B 13 -37.00 -3.45 -9.16
N ASP B 14 -36.01 -2.64 -8.78
CA ASP B 14 -35.57 -1.55 -9.64
C ASP B 14 -35.01 -2.08 -10.94
N GLU B 15 -34.26 -3.17 -10.86
CA GLU B 15 -33.69 -3.81 -12.05
C GLU B 15 -34.80 -4.27 -12.99
N TYR B 16 -35.85 -4.86 -12.43
CA TYR B 16 -36.94 -5.37 -13.23
C TYR B 16 -37.65 -4.22 -13.92
N GLY B 17 -38.00 -3.19 -13.15
CA GLY B 17 -38.66 -2.01 -13.67
C GLY B 17 -37.87 -1.25 -14.72
N GLU B 18 -36.60 -1.02 -14.44
CA GLU B 18 -35.73 -0.34 -15.40
C GLU B 18 -35.51 -1.17 -16.67
N TRP B 19 -35.47 -2.49 -16.53
CA TRP B 19 -35.41 -3.36 -17.72
C TRP B 19 -36.64 -3.17 -18.59
N ILE B 20 -37.83 -3.17 -17.99
CA ILE B 20 -39.06 -2.96 -18.75
C ILE B 20 -38.98 -1.62 -19.49
N LEU B 21 -38.58 -0.58 -18.76
CA LEU B 21 -38.57 0.79 -19.29
C LEU B 21 -37.59 0.95 -20.44
N GLU B 22 -36.42 0.33 -20.30
CA GLU B 22 -35.40 0.38 -21.37
C GLU B 22 -35.85 -0.40 -22.60
N GLN B 23 -36.48 -1.55 -22.40
CA GLN B 23 -36.94 -2.39 -23.51
C GLN B 23 -38.09 -1.78 -24.28
N ALA B 24 -38.97 -1.06 -23.56
CA ALA B 24 -40.28 -0.66 -24.09
C ALA B 24 -40.30 0.49 -25.09
N GLY B 25 -39.47 1.51 -24.85
CA GLY B 25 -39.56 2.75 -25.63
C GLY B 25 -40.65 3.68 -25.11
N GLU B 26 -40.63 4.92 -25.59
CA GLU B 26 -41.53 5.98 -25.10
C GLU B 26 -43.02 5.71 -25.32
N ASP B 27 -43.37 5.10 -26.45
CA ASP B 27 -44.77 4.80 -26.76
C ASP B 27 -45.17 3.38 -26.34
N LYS B 28 -44.31 2.73 -25.55
CA LYS B 28 -44.48 1.33 -25.14
C LYS B 28 -44.63 0.38 -26.35
N GLU B 29 -44.07 0.79 -27.48
CA GLU B 29 -44.21 0.09 -28.74
C GLU B 29 -43.33 -1.15 -28.83
N ASN B 30 -42.27 -1.17 -28.02
CA ASN B 30 -41.37 -2.32 -27.96
C ASN B 30 -41.43 -2.99 -26.59
N LEU B 31 -42.58 -2.84 -25.92
CA LEU B 31 -42.79 -3.50 -24.64
C LEU B 31 -42.56 -5.01 -24.82
N PRO B 32 -41.78 -5.62 -23.91
CA PRO B 32 -41.58 -7.08 -23.95
C PRO B 32 -42.91 -7.81 -23.90
N SER B 33 -42.97 -8.98 -24.53
CA SER B 33 -44.18 -9.81 -24.51
C SER B 33 -44.46 -10.22 -23.07
N ASP B 34 -45.72 -10.60 -22.81
CA ASP B 34 -46.09 -11.07 -21.48
C ASP B 34 -45.31 -12.30 -21.05
N VAL B 35 -44.99 -13.18 -22.00
CA VAL B 35 -44.12 -14.31 -21.71
C VAL B 35 -42.74 -13.82 -21.25
N GLU B 36 -42.17 -12.85 -21.97
CA GLU B 36 -40.87 -12.27 -21.60
C GLU B 36 -40.91 -11.56 -20.25
N LEU B 37 -42.00 -10.83 -19.98
CA LEU B 37 -42.16 -10.15 -18.68
C LEU B 37 -42.15 -11.15 -17.53
N TYR B 38 -42.84 -12.28 -17.72
CA TYR B 38 -42.93 -13.29 -16.66
C TYR B 38 -41.57 -13.97 -16.48
N LYS B 39 -40.93 -14.37 -17.59
CA LYS B 39 -39.64 -15.04 -17.49
C LYS B 39 -38.57 -14.16 -16.84
N LYS B 40 -38.60 -12.85 -17.12
CA LYS B 40 -37.62 -11.93 -16.53
C LYS B 40 -37.88 -11.77 -15.02
N ALA B 41 -39.15 -11.74 -14.63
CA ALA B 41 -39.50 -11.68 -13.21
C ALA B 41 -38.97 -12.93 -12.46
N ALA B 42 -39.07 -14.10 -13.09
CA ALA B 42 -38.53 -15.30 -12.47
C ALA B 42 -37.00 -15.21 -12.38
N GLU B 43 -36.39 -14.75 -13.47
CA GLU B 43 -34.92 -14.65 -13.57
C GLU B 43 -34.37 -13.73 -12.47
N LEU B 44 -35.07 -12.61 -12.27
CA LEU B 44 -34.62 -11.60 -11.30
C LEU B 44 -35.16 -11.85 -9.89
N ASP B 45 -35.91 -12.96 -9.72
CA ASP B 45 -36.39 -13.42 -8.41
C ASP B 45 -37.29 -12.38 -7.74
N VAL B 46 -38.20 -11.81 -8.52
CA VAL B 46 -39.14 -10.81 -7.99
C VAL B 46 -40.59 -11.29 -8.01
N LEU B 47 -40.84 -12.52 -8.48
CA LEU B 47 -42.22 -13.04 -8.46
C LEU B 47 -42.75 -13.18 -7.04
N ASN B 48 -41.85 -13.48 -6.09
CA ASN B 48 -42.23 -13.72 -4.71
C ASN B 48 -42.37 -12.45 -3.87
N ASP B 49 -42.28 -11.30 -4.52
CA ASP B 49 -42.37 -10.02 -3.82
C ASP B 49 -43.66 -9.32 -4.25
N PRO B 50 -44.61 -9.15 -3.31
CA PRO B 50 -45.88 -8.45 -3.60
C PRO B 50 -45.68 -7.08 -4.24
N LYS B 51 -44.54 -6.44 -3.98
CA LYS B 51 -44.30 -5.11 -4.58
C LYS B 51 -44.08 -5.17 -6.09
N ILE B 52 -43.94 -6.38 -6.65
CA ILE B 52 -43.83 -6.46 -8.11
C ILE B 52 -45.03 -5.79 -8.81
N GLY B 53 -46.21 -5.88 -8.18
CA GLY B 53 -47.40 -5.26 -8.71
C GLY B 53 -47.23 -3.76 -8.80
N CYS B 54 -46.58 -3.19 -7.80
CA CYS B 54 -46.36 -1.75 -7.74
C CYS B 54 -45.43 -1.32 -8.88
N VAL B 55 -44.36 -2.08 -9.11
CA VAL B 55 -43.45 -1.81 -10.21
C VAL B 55 -44.16 -1.89 -11.56
N LEU B 56 -44.88 -3.00 -11.79
CA LEU B 56 -45.55 -3.21 -13.07
C LEU B 56 -46.50 -2.06 -13.40
N ALA B 57 -47.28 -1.63 -12.42
CA ALA B 57 -48.25 -0.54 -12.68
C ALA B 57 -47.58 0.79 -13.04
N GLN B 58 -46.30 0.98 -12.66
CA GLN B 58 -45.55 2.20 -12.98
C GLN B 58 -44.72 2.11 -14.27
N CYS B 59 -44.61 0.89 -14.82
CA CYS B 59 -43.74 0.67 -15.98
C CYS B 59 -44.45 0.27 -17.27
N LEU B 60 -45.62 -0.33 -17.16
CA LEU B 60 -46.27 -0.87 -18.35
C LEU B 60 -47.04 0.16 -19.15
N PHE B 61 -47.42 1.26 -18.52
CA PHE B 61 -48.47 2.14 -19.08
C PHE B 61 -48.02 3.55 -19.37
N ASP B 62 -48.74 4.17 -20.29
CA ASP B 62 -48.54 5.57 -20.66
C ASP B 62 -49.92 6.24 -20.78
N GLU B 63 -50.05 7.28 -21.61
CA GLU B 63 -51.34 7.98 -21.73
C GLU B 63 -52.48 7.09 -22.24
N ASP B 64 -52.12 5.99 -22.89
CA ASP B 64 -53.10 5.03 -23.42
C ASP B 64 -53.42 3.91 -22.41
N ILE B 65 -53.17 4.19 -21.14
CA ILE B 65 -53.45 3.23 -20.06
C ILE B 65 -54.82 2.51 -20.13
N VAL B 66 -55.90 3.22 -20.43
CA VAL B 66 -57.20 2.55 -20.49
C VAL B 66 -57.20 1.38 -21.49
N ASN B 67 -56.52 1.59 -22.61
CA ASN B 67 -56.45 0.62 -23.71
C ASN B 67 -55.36 -0.41 -23.55
N GLU B 68 -54.56 -0.28 -22.50
CA GLU B 68 -53.38 -1.13 -22.24
C GLU B 68 -53.62 -2.00 -21.02
N ILE B 69 -54.37 -1.47 -20.06
CA ILE B 69 -54.49 -2.13 -18.78
C ILE B 69 -55.18 -3.49 -18.85
N ALA B 70 -55.99 -3.71 -19.89
CA ALA B 70 -56.69 -4.98 -20.06
C ALA B 70 -56.07 -5.85 -21.14
N GLU B 71 -54.82 -5.53 -21.51
CA GLU B 71 -54.06 -6.21 -22.56
CA GLU B 71 -54.17 -6.30 -22.56
C GLU B 71 -53.10 -7.27 -22.02
N HIS B 72 -53.13 -7.53 -20.71
CA HIS B 72 -52.15 -8.44 -20.08
C HIS B 72 -52.85 -9.40 -19.11
N ASN B 73 -54.06 -9.85 -19.45
CA ASN B 73 -54.89 -10.52 -18.43
C ASN B 73 -54.29 -11.80 -17.87
N ALA B 74 -53.86 -12.71 -18.75
CA ALA B 74 -53.29 -13.97 -18.28
C ALA B 74 -52.03 -13.71 -17.46
N PHE B 75 -51.19 -12.77 -17.89
CA PHE B 75 -50.00 -12.38 -17.14
C PHE B 75 -50.38 -11.92 -15.73
N PHE B 76 -51.34 -11.00 -15.62
CA PHE B 76 -51.72 -10.49 -14.29
C PHE B 76 -52.33 -11.58 -13.43
N THR B 77 -53.08 -12.49 -14.03
CA THR B 77 -53.65 -13.56 -13.21
CA THR B 77 -53.66 -13.63 -13.29
C THR B 77 -52.56 -14.50 -12.70
N LYS B 78 -51.45 -14.62 -13.43
CA LYS B 78 -50.34 -15.44 -12.97
C LYS B 78 -49.42 -14.75 -11.97
N ILE B 79 -49.38 -13.41 -12.01
CA ILE B 79 -48.47 -12.55 -11.22
CA ILE B 79 -48.47 -12.71 -11.14
C ILE B 79 -49.10 -12.08 -9.90
N LEU B 80 -50.35 -11.61 -9.99
CA LEU B 80 -50.97 -10.95 -8.84
C LEU B 80 -51.64 -12.01 -8.00
N VAL B 81 -50.82 -12.77 -7.29
CA VAL B 81 -51.27 -14.05 -6.70
C VAL B 81 -51.91 -13.95 -5.32
N THR B 82 -51.88 -12.79 -4.70
CA THR B 82 -52.61 -12.60 -3.45
C THR B 82 -53.19 -11.19 -3.40
N PRO B 83 -54.11 -10.92 -2.45
CA PRO B 83 -54.62 -9.54 -2.34
C PRO B 83 -53.55 -8.48 -2.04
N GLU B 84 -52.44 -8.88 -1.42
CA GLU B 84 -51.35 -7.91 -1.19
C GLU B 84 -50.69 -7.50 -2.52
N TYR B 85 -50.60 -8.43 -3.47
CA TYR B 85 -50.13 -8.07 -4.81
C TYR B 85 -51.08 -7.10 -5.49
N GLU B 86 -52.39 -7.33 -5.33
CA GLU B 86 -53.39 -6.42 -5.87
CA GLU B 86 -53.40 -6.41 -5.86
C GLU B 86 -53.30 -5.03 -5.23
N LYS B 87 -53.18 -5.00 -3.89
CA LYS B 87 -53.02 -3.72 -3.18
C LYS B 87 -51.80 -2.96 -3.69
N ASN B 88 -50.69 -3.66 -3.91
CA ASN B 88 -49.49 -3.02 -4.45
C ASN B 88 -49.67 -2.53 -5.89
N PHE B 89 -50.41 -3.31 -6.71
CA PHE B 89 -50.71 -2.87 -8.07
C PHE B 89 -51.47 -1.54 -8.01
N MET B 90 -52.50 -1.47 -7.16
CA MET B 90 -53.26 -0.21 -7.03
C MET B 90 -52.37 0.93 -6.53
N GLY B 91 -51.46 0.61 -5.62
CA GLY B 91 -50.51 1.62 -5.12
C GLY B 91 -49.62 2.14 -6.25
N GLY B 92 -49.27 1.24 -7.16
CA GLY B 92 -48.50 1.61 -8.35
C GLY B 92 -49.28 2.53 -9.27
N ILE B 93 -50.56 2.22 -9.45
CA ILE B 93 -51.45 3.11 -10.19
C ILE B 93 -51.51 4.47 -9.52
N GLU B 94 -51.58 4.47 -8.19
CA GLU B 94 -51.63 5.72 -7.43
C GLU B 94 -50.37 6.58 -7.65
N ARG B 95 -49.20 5.94 -7.69
CA ARG B 95 -47.95 6.67 -7.98
C ARG B 95 -47.93 7.19 -9.43
N PHE B 96 -48.32 6.34 -10.36
CA PHE B 96 -48.37 6.69 -11.78
C PHE B 96 -49.26 7.92 -11.98
N LEU B 97 -50.48 7.89 -11.43
CA LEU B 97 -51.42 9.01 -11.61
C LEU B 97 -51.06 10.22 -10.74
N GLY B 98 -50.72 9.97 -9.48
CA GLY B 98 -50.56 11.06 -8.51
C GLY B 98 -49.27 11.84 -8.61
N LEU B 99 -48.20 11.16 -9.01
CA LEU B 99 -46.88 11.80 -9.07
C LEU B 99 -46.46 12.10 -10.49
N GLU B 100 -46.66 11.14 -11.39
CA GLU B 100 -46.15 11.23 -12.76
C GLU B 100 -47.11 11.81 -13.80
N HIS B 101 -48.41 11.59 -13.60
CA HIS B 101 -49.40 11.86 -14.65
C HIS B 101 -50.71 12.39 -14.10
N LYS B 102 -50.66 13.53 -13.41
CA LYS B 102 -51.84 14.06 -12.74
C LYS B 102 -52.96 14.39 -13.74
N ASP B 103 -52.58 14.69 -14.98
CA ASP B 103 -53.57 14.98 -16.02
C ASP B 103 -54.43 13.76 -16.41
N LEU B 104 -53.99 12.58 -15.99
CA LEU B 104 -54.71 11.33 -16.26
C LEU B 104 -55.60 10.88 -15.10
N ILE B 105 -55.60 11.64 -14.01
CA ILE B 105 -56.42 11.28 -12.83
C ILE B 105 -57.90 11.09 -13.19
N PRO B 106 -58.47 11.96 -14.08
CA PRO B 106 -59.85 11.74 -14.54
C PRO B 106 -60.14 10.38 -15.21
N LEU B 107 -59.10 9.65 -15.62
CA LEU B 107 -59.27 8.32 -16.20
C LEU B 107 -59.45 7.24 -15.14
N LEU B 108 -59.33 7.60 -13.86
CA LEU B 108 -59.36 6.60 -12.81
C LEU B 108 -60.62 5.72 -12.79
N PRO B 109 -61.83 6.32 -12.86
CA PRO B 109 -63.01 5.43 -12.87
C PRO B 109 -62.96 4.40 -14.00
N LYS B 110 -62.60 4.83 -15.23
CA LYS B 110 -62.53 3.90 -16.37
C LYS B 110 -61.45 2.83 -16.16
N ILE B 111 -60.32 3.24 -15.59
CA ILE B 111 -59.28 2.27 -15.24
C ILE B 111 -59.86 1.23 -14.28
N LEU B 112 -60.59 1.68 -13.26
CA LEU B 112 -61.22 0.75 -12.33
C LEU B 112 -62.24 -0.18 -13.01
N VAL B 113 -63.04 0.35 -13.94
CA VAL B 113 -63.98 -0.48 -14.70
C VAL B 113 -63.22 -1.61 -15.40
N GLN B 114 -62.11 -1.25 -16.07
CA GLN B 114 -61.29 -2.25 -16.76
C GLN B 114 -60.73 -3.30 -15.79
N LEU B 115 -60.20 -2.85 -14.66
CA LEU B 115 -59.63 -3.79 -13.68
C LEU B 115 -60.68 -4.72 -13.09
N TYR B 116 -61.86 -4.16 -12.80
CA TYR B 116 -62.98 -4.91 -12.27
C TYR B 116 -63.48 -5.98 -13.25
N ASN B 117 -63.79 -5.54 -14.47
CA ASN B 117 -64.39 -6.44 -15.46
C ASN B 117 -63.47 -7.59 -15.83
N ASN B 118 -62.16 -7.32 -15.82
CA ASN B 118 -61.18 -8.32 -16.23
C ASN B 118 -60.62 -9.17 -15.08
N ASP B 119 -61.18 -8.99 -13.90
CA ASP B 119 -60.79 -9.76 -12.71
C ASP B 119 -59.32 -9.57 -12.38
N ILE B 120 -58.80 -8.40 -12.71
CA ILE B 120 -57.42 -8.08 -12.40
C ILE B 120 -57.26 -7.70 -10.92
N ILE B 121 -58.17 -6.82 -10.47
CA ILE B 121 -58.21 -6.37 -9.07
C ILE B 121 -59.60 -6.65 -8.53
N SER B 122 -59.67 -7.23 -7.33
CA SER B 122 -60.95 -7.60 -6.72
C SER B 122 -61.79 -6.37 -6.40
N GLU B 123 -63.10 -6.58 -6.31
CA GLU B 123 -63.99 -5.53 -5.88
C GLU B 123 -63.56 -5.03 -4.48
N GLU B 124 -63.15 -5.96 -3.64
CA GLU B 124 -62.73 -5.66 -2.29
C GLU B 124 -61.54 -4.68 -2.25
N GLU B 125 -60.52 -4.92 -3.09
CA GLU B 125 -59.36 -4.05 -3.14
C GLU B 125 -59.69 -2.70 -3.80
N ILE B 126 -60.58 -2.71 -4.79
CA ILE B 126 -61.02 -1.45 -5.39
C ILE B 126 -61.78 -0.61 -4.35
N MET B 127 -62.66 -1.26 -3.57
CA MET B 127 -63.39 -0.57 -2.52
C MET B 127 -62.45 0.04 -1.49
N ARG B 128 -61.44 -0.71 -1.06
CA ARG B 128 -60.47 -0.17 -0.11
CA ARG B 128 -60.47 -0.17 -0.12
C ARG B 128 -59.76 1.06 -0.70
N PHE B 129 -59.32 0.95 -1.95
CA PHE B 129 -58.65 2.04 -2.64
C PHE B 129 -59.50 3.30 -2.71
N GLY B 130 -60.79 3.12 -2.96
CA GLY B 130 -61.68 4.25 -3.17
C GLY B 130 -62.41 4.77 -1.95
N THR B 131 -62.13 4.19 -0.79
CA THR B 131 -62.80 4.61 0.44
C THR B 131 -61.86 5.10 1.56
N LYS B 132 -60.56 4.90 1.39
CA LYS B 132 -59.57 5.34 2.37
C LYS B 132 -58.40 6.01 1.67
N SER B 133 -57.73 6.93 2.36
CA SER B 133 -56.43 7.41 1.88
C SER B 133 -55.31 6.60 2.53
N SER B 134 -54.11 6.66 1.94
CA SER B 134 -52.97 5.93 2.50
C SER B 134 -51.71 6.73 2.30
N LYS B 135 -50.75 6.55 3.20
CA LYS B 135 -49.41 7.14 3.08
C LYS B 135 -48.42 6.15 2.47
N LYS B 136 -48.88 4.93 2.17
CA LYS B 136 -47.96 3.86 1.82
C LYS B 136 -47.31 4.02 0.45
N PHE B 137 -48.02 4.61 -0.50
CA PHE B 137 -47.51 4.69 -1.86
C PHE B 137 -47.19 6.09 -2.32
N VAL B 138 -47.96 7.06 -1.83
CA VAL B 138 -47.77 8.48 -2.11
C VAL B 138 -48.05 9.26 -0.83
N PRO B 139 -47.58 10.53 -0.77
CA PRO B 139 -47.95 11.39 0.35
C PRO B 139 -49.45 11.49 0.51
N LYS B 140 -49.90 11.64 1.75
CA LYS B 140 -51.34 11.63 2.08
C LYS B 140 -52.18 12.56 1.19
N GLU B 141 -51.70 13.78 0.95
CA GLU B 141 -52.50 14.72 0.16
C GLU B 141 -52.61 14.31 -1.31
N VAL B 142 -51.56 13.69 -1.84
CA VAL B 142 -51.61 13.12 -3.18
C VAL B 142 -52.61 11.95 -3.20
N SER B 143 -52.57 11.13 -2.15
CA SER B 143 -53.48 9.98 -2.04
C SER B 143 -54.92 10.43 -2.08
N LYS B 144 -55.23 11.51 -1.36
CA LYS B 144 -56.60 12.00 -1.35
C LYS B 144 -57.04 12.46 -2.74
N LYS B 145 -56.15 13.15 -3.44
CA LYS B 145 -56.46 13.67 -4.77
C LYS B 145 -56.72 12.55 -5.77
N VAL B 146 -55.88 11.52 -5.75
CA VAL B 146 -56.07 10.43 -6.68
C VAL B 146 -57.33 9.67 -6.34
N ARG B 147 -57.46 9.28 -5.08
CA ARG B 147 -58.52 8.34 -4.70
C ARG B 147 -59.91 8.98 -4.73
N ARG B 148 -59.99 10.30 -4.51
CA ARG B 148 -61.30 10.96 -4.64
C ARG B 148 -61.88 10.79 -6.05
N ALA B 149 -61.00 10.67 -7.06
CA ALA B 149 -61.45 10.54 -8.45
C ALA B 149 -62.15 9.19 -8.74
N ALA B 150 -61.99 8.23 -7.84
CA ALA B 150 -62.63 6.91 -8.00
C ALA B 150 -64.13 6.96 -7.70
N LYS B 151 -64.58 8.05 -7.06
CA LYS B 151 -65.91 8.07 -6.45
C LYS B 151 -67.08 7.56 -7.30
N PRO B 152 -67.16 7.97 -8.59
CA PRO B 152 -68.31 7.49 -9.39
C PRO B 152 -68.40 5.96 -9.47
N PHE B 153 -67.25 5.31 -9.59
CA PHE B 153 -67.26 3.86 -9.67
C PHE B 153 -67.53 3.21 -8.31
N ILE B 154 -66.99 3.80 -7.25
CA ILE B 154 -67.29 3.32 -5.91
C ILE B 154 -68.80 3.38 -5.65
N THR B 155 -69.42 4.51 -6.00
CA THR B 155 -70.87 4.64 -5.80
C THR B 155 -71.61 3.56 -6.58
N TRP B 156 -71.13 3.29 -7.80
CA TRP B 156 -71.75 2.24 -8.62
C TRP B 156 -71.64 0.87 -7.95
N LEU B 157 -70.47 0.56 -7.40
CA LEU B 157 -70.27 -0.71 -6.70
C LEU B 157 -71.20 -0.85 -5.52
N GLU B 158 -71.45 0.27 -4.84
CA GLU B 158 -72.23 0.25 -3.62
C GLU B 158 -73.73 0.06 -3.87
N THR B 159 -74.20 0.49 -5.03
CA THR B 159 -75.64 0.54 -5.27
C THR B 159 -76.11 -0.43 -6.35
N PRO C 3 -28.97 14.30 -8.70
CA PRO C 3 -28.08 14.11 -7.56
C PRO C 3 -28.80 13.66 -6.30
N GLU C 4 -28.10 12.91 -5.45
CA GLU C 4 -28.61 12.54 -4.15
CA GLU C 4 -28.60 12.53 -4.14
C GLU C 4 -28.59 13.77 -3.25
N PHE C 5 -29.57 13.87 -2.37
CA PHE C 5 -29.69 15.04 -1.48
C PHE C 5 -29.19 14.76 -0.08
N VAL C 6 -29.02 13.47 0.23
CA VAL C 6 -28.65 13.00 1.56
C VAL C 6 -27.48 12.02 1.37
N ASN C 7 -26.52 12.07 2.30
CA ASN C 7 -25.32 11.20 2.22
C ASN C 7 -25.45 9.90 2.97
N SER C 8 -24.74 8.88 2.47
CA SER C 8 -24.61 7.57 3.11
C SER C 8 -23.34 6.88 2.61
N GLU C 9 -22.98 5.77 3.23
CA GLU C 9 -21.87 4.99 2.71
C GLU C 9 -22.17 4.52 1.30
N LEU C 10 -23.42 4.11 1.04
CA LEU C 10 -23.82 3.69 -0.31
CA LEU C 10 -23.85 3.70 -0.30
C LEU C 10 -23.81 4.88 -1.27
N THR C 11 -24.25 6.05 -0.80
CA THR C 11 -24.26 7.24 -1.63
C THR C 11 -22.83 7.60 -2.08
N GLN C 12 -21.86 7.46 -1.20
CA GLN C 12 -20.47 7.75 -1.56
C GLN C 12 -19.97 6.81 -2.65
N LEU C 13 -20.28 5.52 -2.50
CA LEU C 13 -20.00 4.52 -3.55
C LEU C 13 -20.67 4.86 -4.87
N ASP C 14 -21.97 5.19 -4.79
CA ASP C 14 -22.73 5.55 -5.99
C ASP C 14 -22.12 6.75 -6.68
N GLU C 15 -21.72 7.75 -5.88
CA GLU C 15 -21.13 8.97 -6.42
C GLU C 15 -19.77 8.71 -7.07
N TYR C 16 -18.98 7.84 -6.45
CA TYR C 16 -17.72 7.41 -7.02
C TYR C 16 -17.94 6.77 -8.41
N GLY C 17 -18.84 5.77 -8.48
CA GLY C 17 -19.16 5.11 -9.73
C GLY C 17 -19.70 6.07 -10.78
N GLU C 18 -20.65 6.92 -10.36
CA GLU C 18 -21.23 7.90 -11.29
CA GLU C 18 -21.24 7.92 -11.26
C GLU C 18 -20.16 8.83 -11.86
N TRP C 19 -19.21 9.23 -11.02
CA TRP C 19 -18.11 10.10 -11.46
C TRP C 19 -17.26 9.41 -12.51
N ILE C 20 -16.90 8.15 -12.27
CA ILE C 20 -16.12 7.40 -13.25
C ILE C 20 -16.89 7.40 -14.57
N LEU C 21 -18.17 7.05 -14.51
CA LEU C 21 -19.00 6.92 -15.72
C LEU C 21 -19.15 8.25 -16.45
N GLU C 22 -19.32 9.34 -15.69
CA GLU C 22 -19.46 10.69 -16.25
C GLU C 22 -18.18 11.11 -16.96
N GLN C 23 -17.04 10.86 -16.31
CA GLN C 23 -15.74 11.23 -16.85
C GLN C 23 -15.41 10.45 -18.12
N ALA C 24 -15.70 9.15 -18.11
CA ALA C 24 -15.36 8.28 -19.22
C ALA C 24 -16.14 8.59 -20.50
N GLY C 25 -17.42 8.92 -20.33
CA GLY C 25 -18.31 9.21 -21.46
C GLY C 25 -18.81 7.95 -22.15
N GLU C 26 -19.69 8.15 -23.15
CA GLU C 26 -20.31 7.08 -23.95
C GLU C 26 -19.41 5.85 -24.09
N ASP C 27 -18.32 6.01 -24.85
CA ASP C 27 -17.25 5.01 -24.90
C ASP C 27 -16.19 5.38 -23.85
N LYS C 28 -15.51 4.37 -23.30
CA LYS C 28 -14.51 4.59 -22.22
C LYS C 28 -13.28 5.38 -22.70
N GLU C 29 -13.52 6.33 -23.61
CA GLU C 29 -12.48 7.13 -24.27
C GLU C 29 -11.71 8.05 -23.32
N ASN C 30 -12.36 8.44 -22.22
CA ASN C 30 -11.71 9.33 -21.24
C ASN C 30 -11.82 8.86 -19.79
N LEU C 31 -11.61 7.57 -19.55
CA LEU C 31 -11.50 7.08 -18.17
C LEU C 31 -10.46 7.91 -17.42
N PRO C 32 -10.77 8.31 -16.18
CA PRO C 32 -9.74 8.92 -15.36
C PRO C 32 -8.54 7.99 -15.26
N SER C 33 -7.35 8.55 -15.11
CA SER C 33 -6.14 7.74 -14.89
C SER C 33 -6.25 6.98 -13.57
N ASP C 34 -5.45 5.94 -13.42
CA ASP C 34 -5.45 5.19 -12.17
C ASP C 34 -5.08 6.06 -10.97
N VAL C 35 -4.16 7.01 -11.15
CA VAL C 35 -3.86 7.97 -10.10
C VAL C 35 -5.11 8.78 -9.73
N GLU C 36 -5.83 9.28 -10.74
CA GLU C 36 -7.07 10.03 -10.51
C GLU C 36 -8.16 9.16 -9.86
N LEU C 37 -8.26 7.90 -10.28
CA LEU C 37 -9.21 6.99 -9.65
C LEU C 37 -8.91 6.78 -8.17
N TYR C 38 -7.63 6.67 -7.82
CA TYR C 38 -7.24 6.43 -6.42
C TYR C 38 -7.49 7.69 -5.58
N LYS C 39 -7.08 8.84 -6.12
CA LYS C 39 -7.24 10.10 -5.40
C LYS C 39 -8.71 10.40 -5.10
N LYS C 40 -9.56 10.13 -6.08
CA LYS C 40 -10.99 10.38 -5.91
C LYS C 40 -11.58 9.41 -4.91
N ALA C 41 -11.14 8.16 -4.93
CA ALA C 41 -11.59 7.21 -3.91
C ALA C 41 -11.24 7.67 -2.50
N ALA C 42 -10.04 8.24 -2.34
CA ALA C 42 -9.64 8.79 -1.04
C ALA C 42 -10.51 9.98 -0.66
N GLU C 43 -10.76 10.86 -1.64
CA GLU C 43 -11.58 12.08 -1.40
C GLU C 43 -12.99 11.69 -0.95
N LEU C 44 -13.55 10.66 -1.58
CA LEU C 44 -14.93 10.25 -1.31
C LEU C 44 -15.05 9.25 -0.17
N ASP C 45 -13.90 8.92 0.44
CA ASP C 45 -13.85 7.99 1.58
C ASP C 45 -14.43 6.62 1.25
N VAL C 46 -14.07 6.10 0.07
CA VAL C 46 -14.51 4.76 -0.33
C VAL C 46 -13.36 3.74 -0.39
N LEU C 47 -12.11 4.16 -0.13
CA LEU C 47 -11.00 3.18 -0.14
C LEU C 47 -11.19 2.12 0.93
N ASN C 48 -11.78 2.52 2.06
CA ASN C 48 -11.98 1.65 3.22
CA ASN C 48 -11.95 1.62 3.19
C ASN C 48 -13.22 0.79 3.13
N ASP C 49 -13.91 0.85 2.00
CA ASP C 49 -15.14 0.07 1.81
C ASP C 49 -14.89 -1.08 0.83
N PRO C 50 -14.92 -2.33 1.30
CA PRO C 50 -14.70 -3.46 0.38
C PRO C 50 -15.59 -3.46 -0.86
N LYS C 51 -16.75 -2.78 -0.81
CA LYS C 51 -17.64 -2.74 -1.97
CA LYS C 51 -17.65 -2.73 -1.97
C LYS C 51 -17.07 -1.86 -3.09
N ILE C 52 -15.98 -1.15 -2.80
CA ILE C 52 -15.35 -0.38 -3.87
C ILE C 52 -15.00 -1.28 -5.06
N GLY C 53 -14.60 -2.52 -4.78
CA GLY C 53 -14.25 -3.43 -5.88
C GLY C 53 -15.46 -3.75 -6.76
N CYS C 54 -16.62 -3.81 -6.13
CA CYS C 54 -17.85 -4.10 -6.85
C CYS C 54 -18.22 -2.94 -7.77
N VAL C 55 -18.08 -1.71 -7.27
CA VAL C 55 -18.32 -0.53 -8.10
C VAL C 55 -17.32 -0.44 -9.27
N LEU C 56 -16.04 -0.65 -8.99
CA LEU C 56 -15.04 -0.51 -10.05
C LEU C 56 -15.30 -1.51 -11.20
N ALA C 57 -15.63 -2.75 -10.86
CA ALA C 57 -15.85 -3.78 -11.86
C ALA C 57 -17.07 -3.50 -12.75
N GLN C 58 -18.00 -2.66 -12.27
CA GLN C 58 -19.16 -2.25 -13.05
C GLN C 58 -18.99 -0.94 -13.83
N CYS C 59 -17.88 -0.23 -13.57
CA CYS C 59 -17.68 1.10 -14.18
C CYS C 59 -16.48 1.20 -15.12
N LEU C 60 -15.46 0.38 -14.91
CA LEU C 60 -14.24 0.51 -15.69
C LEU C 60 -14.29 -0.10 -17.08
N PHE C 61 -15.25 -1.00 -17.33
CA PHE C 61 -15.14 -1.89 -18.51
C PHE C 61 -16.29 -1.79 -19.48
N ASP C 62 -16.00 -2.14 -20.72
CA ASP C 62 -17.02 -2.21 -21.76
C ASP C 62 -16.81 -3.48 -22.58
N GLU C 63 -17.16 -3.43 -23.88
CA GLU C 63 -17.02 -4.62 -24.72
CA GLU C 63 -17.00 -4.57 -24.79
C GLU C 63 -15.57 -5.08 -24.82
N ASP C 64 -14.62 -4.18 -24.53
CA ASP C 64 -13.19 -4.49 -24.56
C ASP C 64 -12.67 -4.98 -23.18
N ILE C 65 -13.57 -5.52 -22.37
CA ILE C 65 -13.24 -5.93 -20.99
C ILE C 65 -12.03 -6.87 -20.88
N VAL C 66 -11.92 -7.85 -21.77
CA VAL C 66 -10.84 -8.81 -21.63
C VAL C 66 -9.47 -8.12 -21.60
N ASN C 67 -9.24 -7.23 -22.57
CA ASN C 67 -8.03 -6.42 -22.63
C ASN C 67 -7.93 -5.41 -21.45
N GLU C 68 -9.03 -4.74 -21.13
CA GLU C 68 -9.01 -3.66 -20.13
C GLU C 68 -8.73 -4.16 -18.73
N ILE C 69 -9.11 -5.39 -18.46
CA ILE C 69 -9.02 -5.86 -17.10
C ILE C 69 -7.56 -5.99 -16.62
N ALA C 70 -6.62 -6.09 -17.57
CA ALA C 70 -5.20 -6.17 -17.26
C ALA C 70 -4.49 -4.81 -17.34
N GLU C 71 -5.24 -3.72 -17.49
CA GLU C 71 -4.67 -2.39 -17.69
C GLU C 71 -4.58 -1.54 -16.41
N HIS C 72 -4.92 -2.14 -15.27
CA HIS C 72 -4.95 -1.39 -14.00
C HIS C 72 -4.21 -2.12 -12.86
N ASN C 73 -3.13 -2.82 -13.16
CA ASN C 73 -2.57 -3.76 -12.19
C ASN C 73 -2.13 -3.11 -10.88
N ALA C 74 -1.35 -2.03 -10.97
CA ALA C 74 -0.84 -1.40 -9.76
C ALA C 74 -1.98 -0.85 -8.92
N PHE C 75 -2.94 -0.23 -9.60
CA PHE C 75 -4.14 0.28 -8.96
C PHE C 75 -4.88 -0.84 -8.19
N PHE C 76 -5.17 -1.96 -8.85
CA PHE C 76 -5.90 -3.05 -8.19
C PHE C 76 -5.11 -3.64 -7.02
N THR C 77 -3.78 -3.73 -7.14
CA THR C 77 -3.03 -4.29 -6.03
CA THR C 77 -2.93 -4.24 -6.07
C THR C 77 -3.04 -3.38 -4.82
N LYS C 78 -3.14 -2.06 -5.03
CA LYS C 78 -3.20 -1.09 -3.95
CA LYS C 78 -3.19 -1.15 -3.91
C LYS C 78 -4.59 -0.92 -3.34
N ILE C 79 -5.63 -1.23 -4.13
CA ILE C 79 -7.06 -1.07 -3.76
C ILE C 79 -7.68 -2.32 -3.17
N LEU C 80 -7.38 -3.49 -3.77
CA LEU C 80 -8.07 -4.73 -3.39
C LEU C 80 -7.31 -5.40 -2.27
N VAL C 81 -7.47 -4.83 -1.09
CA VAL C 81 -6.51 -5.05 0.00
C VAL C 81 -6.83 -6.22 0.95
N THR C 82 -8.00 -6.83 0.77
CA THR C 82 -8.35 -8.04 1.53
C THR C 82 -9.15 -8.98 0.63
N PRO C 83 -9.30 -10.25 1.06
CA PRO C 83 -10.12 -11.16 0.29
C PRO C 83 -11.56 -10.67 0.12
N GLU C 84 -12.06 -9.84 1.02
CA GLU C 84 -13.42 -9.33 0.86
C GLU C 84 -13.50 -8.33 -0.31
N TYR C 85 -12.43 -7.56 -0.53
CA TYR C 85 -12.40 -6.69 -1.69
C TYR C 85 -12.40 -7.51 -2.98
N GLU C 86 -11.63 -8.61 -2.99
CA GLU C 86 -11.59 -9.47 -4.17
C GLU C 86 -12.94 -10.13 -4.44
N LYS C 87 -13.60 -10.56 -3.37
CA LYS C 87 -14.94 -11.15 -3.51
C LYS C 87 -15.92 -10.13 -4.12
N ASN C 88 -15.86 -8.90 -3.63
CA ASN C 88 -16.70 -7.83 -4.19
C ASN C 88 -16.37 -7.49 -5.64
N PHE C 89 -15.08 -7.48 -5.99
CA PHE C 89 -14.71 -7.27 -7.39
C PHE C 89 -15.33 -8.34 -8.30
N MET C 90 -15.22 -9.61 -7.93
CA MET C 90 -15.87 -10.65 -8.70
C MET C 90 -17.38 -10.48 -8.76
N GLY C 91 -17.98 -9.99 -7.68
CA GLY C 91 -19.42 -9.71 -7.66
C GLY C 91 -19.80 -8.63 -8.65
N GLY C 92 -18.90 -7.66 -8.81
CA GLY C 92 -19.12 -6.58 -9.78
C GLY C 92 -19.02 -7.10 -11.20
N ILE C 93 -18.07 -8.00 -11.44
CA ILE C 93 -17.98 -8.69 -12.74
C ILE C 93 -19.26 -9.48 -13.02
N GLU C 94 -19.80 -10.13 -11.99
CA GLU C 94 -21.04 -10.88 -12.12
C GLU C 94 -22.22 -9.98 -12.47
N ARG C 95 -22.29 -8.80 -11.86
CA ARG C 95 -23.36 -7.85 -12.20
C ARG C 95 -23.19 -7.30 -13.62
N PHE C 96 -21.95 -6.99 -13.98
CA PHE C 96 -21.66 -6.45 -15.31
C PHE C 96 -22.10 -7.45 -16.39
N LEU C 97 -21.71 -8.71 -16.22
CA LEU C 97 -22.01 -9.74 -17.23
C LEU C 97 -23.46 -10.16 -17.16
N GLY C 98 -23.94 -10.37 -15.94
CA GLY C 98 -25.28 -10.95 -15.73
C GLY C 98 -26.45 -10.04 -16.02
N LEU C 99 -26.30 -8.77 -15.67
CA LEU C 99 -27.39 -7.81 -15.74
C LEU C 99 -27.27 -6.88 -16.95
N GLU C 100 -26.04 -6.49 -17.28
CA GLU C 100 -25.82 -5.46 -18.29
C GLU C 100 -25.34 -5.99 -19.64
N HIS C 101 -24.55 -7.06 -19.62
CA HIS C 101 -23.87 -7.52 -20.84
C HIS C 101 -23.89 -9.05 -20.96
N LYS C 102 -25.08 -9.62 -21.04
CA LYS C 102 -25.20 -11.08 -21.13
C LYS C 102 -24.49 -11.64 -22.35
N ASP C 103 -24.40 -10.82 -23.40
CA ASP C 103 -23.73 -11.24 -24.64
C ASP C 103 -22.22 -11.38 -24.47
N LEU C 104 -21.68 -10.92 -23.33
CA LEU C 104 -20.26 -11.00 -23.05
C LEU C 104 -19.94 -12.17 -22.12
N ILE C 105 -20.96 -12.91 -21.68
CA ILE C 105 -20.74 -14.06 -20.79
C ILE C 105 -19.71 -15.09 -21.33
N PRO C 106 -19.73 -15.38 -22.65
CA PRO C 106 -18.68 -16.24 -23.24
C PRO C 106 -17.22 -15.78 -23.03
N LEU C 107 -17.03 -14.52 -22.67
CA LEU C 107 -15.67 -14.01 -22.41
C LEU C 107 -15.22 -14.30 -20.98
N LEU C 108 -16.07 -14.87 -20.14
CA LEU C 108 -15.67 -15.12 -18.76
C LEU C 108 -14.37 -15.93 -18.57
N PRO C 109 -14.22 -17.08 -19.27
CA PRO C 109 -12.96 -17.80 -19.11
C PRO C 109 -11.75 -16.91 -19.36
N LYS C 110 -11.75 -16.12 -20.44
CA LYS C 110 -10.58 -15.29 -20.68
C LYS C 110 -10.44 -14.15 -19.66
N ILE C 111 -11.57 -13.61 -19.18
CA ILE C 111 -11.54 -12.66 -18.06
C ILE C 111 -10.80 -13.29 -16.85
N LEU C 112 -11.15 -14.53 -16.52
CA LEU C 112 -10.48 -15.23 -15.42
C LEU C 112 -9.02 -15.51 -15.70
N VAL C 113 -8.69 -15.90 -16.93
CA VAL C 113 -7.29 -16.04 -17.34
C VAL C 113 -6.51 -14.75 -17.05
N GLN C 114 -7.07 -13.61 -17.44
CA GLN C 114 -6.40 -12.33 -17.22
C GLN C 114 -6.25 -12.02 -15.73
N LEU C 115 -7.29 -12.24 -14.93
CA LEU C 115 -7.24 -11.94 -13.50
C LEU C 115 -6.23 -12.83 -12.80
N TYR C 116 -6.21 -14.10 -13.20
CA TYR C 116 -5.28 -15.06 -12.66
C TYR C 116 -3.84 -14.71 -13.03
N ASN C 117 -3.58 -14.47 -14.31
CA ASN C 117 -2.20 -14.25 -14.79
C ASN C 117 -1.58 -12.98 -14.23
N ASN C 118 -2.43 -12.01 -13.92
CA ASN C 118 -1.97 -10.70 -13.43
C ASN C 118 -2.04 -10.60 -11.89
N ASP C 119 -2.38 -11.73 -11.26
CA ASP C 119 -2.48 -11.79 -9.81
C ASP C 119 -3.43 -10.77 -9.22
N ILE C 120 -4.55 -10.56 -9.90
CA ILE C 120 -5.53 -9.56 -9.44
C ILE C 120 -6.53 -10.17 -8.45
N ILE C 121 -6.96 -11.39 -8.76
CA ILE C 121 -7.90 -12.12 -7.93
C ILE C 121 -7.31 -13.50 -7.64
N SER C 122 -7.40 -13.92 -6.38
CA SER C 122 -6.80 -15.19 -5.95
C SER C 122 -7.43 -16.40 -6.64
N GLU C 123 -6.66 -17.47 -6.80
CA GLU C 123 -7.22 -18.75 -7.29
C GLU C 123 -8.36 -19.19 -6.39
N GLU C 124 -8.19 -18.97 -5.09
CA GLU C 124 -9.16 -19.39 -4.08
C GLU C 124 -10.52 -18.72 -4.37
N GLU C 125 -10.51 -17.41 -4.64
CA GLU C 125 -11.75 -16.70 -4.96
C GLU C 125 -12.30 -17.08 -6.34
N ILE C 126 -11.43 -17.27 -7.33
CA ILE C 126 -11.90 -17.73 -8.63
C ILE C 126 -12.58 -19.10 -8.51
N MET C 127 -11.98 -20.00 -7.72
CA MET C 127 -12.57 -21.32 -7.49
C MET C 127 -13.94 -21.21 -6.82
N ARG C 128 -14.05 -20.35 -5.81
CA ARG C 128 -15.37 -20.16 -5.19
C ARG C 128 -16.40 -19.64 -6.18
N PHE C 129 -16.01 -18.63 -6.95
CA PHE C 129 -16.88 -18.04 -7.95
C PHE C 129 -17.37 -19.07 -8.98
N GLY C 130 -16.49 -19.98 -9.37
CA GLY C 130 -16.82 -20.93 -10.44
C GLY C 130 -17.40 -22.27 -9.98
N THR C 131 -17.59 -22.44 -8.67
CA THR C 131 -18.11 -23.71 -8.15
C THR C 131 -19.39 -23.58 -7.32
N LYS C 132 -19.78 -22.35 -6.97
CA LYS C 132 -21.00 -22.13 -6.19
C LYS C 132 -21.75 -20.96 -6.82
N SER C 133 -23.09 -20.99 -6.77
CA SER C 133 -23.87 -19.82 -7.12
C SER C 133 -24.07 -18.98 -5.85
N SER C 134 -24.45 -17.72 -6.02
CA SER C 134 -24.69 -16.84 -4.88
C SER C 134 -25.80 -15.85 -5.19
N LYS C 135 -26.56 -15.47 -4.17
CA LYS C 135 -27.58 -14.42 -4.28
C LYS C 135 -27.04 -13.06 -3.85
N LYS C 136 -25.75 -13.00 -3.50
CA LYS C 136 -25.18 -11.79 -2.91
C LYS C 136 -25.15 -10.58 -3.85
N PHE C 137 -24.80 -10.83 -5.11
CA PHE C 137 -24.57 -9.76 -6.08
C PHE C 137 -25.59 -9.70 -7.20
N VAL C 138 -26.14 -10.85 -7.58
CA VAL C 138 -27.22 -10.91 -8.56
C VAL C 138 -28.21 -11.98 -8.09
N PRO C 139 -29.46 -11.96 -8.61
CA PRO C 139 -30.37 -13.07 -8.32
C PRO C 139 -29.81 -14.43 -8.70
N LYS C 140 -30.26 -15.47 -8.00
CA LYS C 140 -29.73 -16.84 -8.14
C LYS C 140 -29.68 -17.36 -9.59
N GLU C 141 -30.74 -17.15 -10.36
CA GLU C 141 -30.73 -17.59 -11.75
C GLU C 141 -29.70 -16.87 -12.61
N VAL C 142 -29.47 -15.60 -12.34
CA VAL C 142 -28.44 -14.84 -13.05
C VAL C 142 -27.06 -15.37 -12.64
N SER C 143 -26.89 -15.64 -11.35
CA SER C 143 -25.62 -16.16 -10.83
C SER C 143 -25.27 -17.48 -11.53
N LYS C 144 -26.24 -18.38 -11.66
CA LYS C 144 -25.97 -19.67 -12.28
C LYS C 144 -25.53 -19.50 -13.73
N LYS C 145 -26.20 -18.61 -14.46
CA LYS C 145 -25.91 -18.41 -15.87
C LYS C 145 -24.50 -17.86 -16.06
N VAL C 146 -24.14 -16.83 -15.29
CA VAL C 146 -22.79 -16.27 -15.36
C VAL C 146 -21.73 -17.28 -14.96
N ARG C 147 -21.89 -17.89 -13.79
CA ARG C 147 -20.80 -18.68 -13.21
C ARG C 147 -20.59 -20.00 -13.95
N ARG C 148 -21.64 -20.52 -14.58
CA ARG C 148 -21.47 -21.75 -15.38
C ARG C 148 -20.47 -21.54 -16.52
N ALA C 149 -20.37 -20.30 -17.00
CA ALA C 149 -19.48 -20.01 -18.12
C ALA C 149 -18.00 -20.06 -17.72
N ALA C 150 -17.72 -20.09 -16.42
CA ALA C 150 -16.35 -20.19 -15.93
C ALA C 150 -15.76 -21.60 -16.07
N LYS C 151 -16.62 -22.59 -16.33
CA LYS C 151 -16.23 -23.99 -16.20
C LYS C 151 -14.88 -24.38 -16.83
N PRO C 152 -14.61 -23.99 -18.10
CA PRO C 152 -13.33 -24.47 -18.66
C PRO C 152 -12.13 -24.05 -17.83
N PHE C 153 -12.14 -22.83 -17.29
CA PHE C 153 -11.01 -22.37 -16.48
C PHE C 153 -10.97 -23.06 -15.12
N ILE C 154 -12.14 -23.25 -14.52
CA ILE C 154 -12.22 -24.00 -13.28
C ILE C 154 -11.63 -25.39 -13.44
N THR C 155 -11.99 -26.10 -14.51
CA THR C 155 -11.44 -27.43 -14.77
C THR C 155 -9.92 -27.37 -14.90
N TRP C 156 -9.42 -26.34 -15.58
CA TRP C 156 -7.98 -26.13 -15.71
C TRP C 156 -7.34 -25.96 -14.32
N LEU C 157 -7.93 -25.13 -13.47
CA LEU C 157 -7.36 -24.93 -12.13
C LEU C 157 -7.33 -26.21 -11.33
N GLU C 158 -8.36 -27.03 -11.50
CA GLU C 158 -8.49 -28.27 -10.74
C GLU C 158 -7.53 -29.37 -11.20
N THR C 159 -7.01 -29.26 -12.42
CA THR C 159 -6.12 -30.27 -13.04
C THR C 159 -4.66 -30.08 -12.64
N ALA C 160 -3.97 -31.18 -12.34
CA ALA C 160 -2.56 -31.15 -11.92
C ALA C 160 -1.63 -30.65 -13.05
N ASP C 168 9.91 -31.47 -19.78
CA ASP C 168 10.58 -30.41 -20.52
C ASP C 168 11.90 -30.02 -19.85
N ASP C 169 12.98 -30.03 -20.62
CA ASP C 169 14.32 -29.69 -20.13
C ASP C 169 14.62 -28.21 -20.29
N GLU C 170 15.46 -27.69 -19.40
CA GLU C 170 15.95 -26.31 -19.50
C GLU C 170 16.70 -26.11 -20.82
N LEU C 171 16.38 -25.02 -21.51
CA LEU C 171 16.93 -24.74 -22.85
C LEU C 171 18.38 -24.27 -22.79
N PRO D 3 24.62 -7.39 1.99
CA PRO D 3 23.44 -7.16 2.81
C PRO D 3 23.40 -8.02 4.08
N GLU D 4 23.12 -7.37 5.21
CA GLU D 4 22.82 -8.07 6.46
C GLU D 4 21.37 -8.53 6.37
N PHE D 5 21.07 -9.72 6.90
CA PHE D 5 19.71 -10.26 6.84
C PHE D 5 18.83 -10.05 8.07
N VAL D 6 19.43 -9.54 9.16
CA VAL D 6 18.66 -9.11 10.33
C VAL D 6 19.22 -7.78 10.83
N ASN D 7 18.50 -7.17 11.76
CA ASN D 7 18.92 -5.90 12.32
C ASN D 7 19.82 -6.10 13.53
N SER D 8 20.59 -5.06 13.83
CA SER D 8 21.39 -4.99 15.05
C SER D 8 21.80 -3.55 15.26
N GLU D 9 22.32 -3.26 16.44
CA GLU D 9 22.78 -1.91 16.73
C GLU D 9 23.89 -1.50 15.76
N LEU D 10 24.82 -2.42 15.48
CA LEU D 10 25.87 -2.14 14.51
C LEU D 10 25.33 -1.91 13.10
N THR D 11 24.39 -2.77 12.68
CA THR D 11 23.80 -2.62 11.37
C THR D 11 23.08 -1.26 11.21
N GLN D 12 22.41 -0.79 12.26
CA GLN D 12 21.76 0.53 12.22
C GLN D 12 22.77 1.66 11.96
N LEU D 13 23.91 1.59 12.67
CA LEU D 13 24.98 2.57 12.47
C LEU D 13 25.56 2.53 11.07
N ASP D 14 25.84 1.32 10.58
CA ASP D 14 26.45 1.18 9.25
C ASP D 14 25.49 1.69 8.19
N GLU D 15 24.20 1.37 8.34
CA GLU D 15 23.18 1.80 7.40
C GLU D 15 23.01 3.33 7.42
N TYR D 16 23.09 3.94 8.58
CA TYR D 16 23.05 5.41 8.65
C TYR D 16 24.18 6.05 7.87
N GLY D 17 25.42 5.60 8.12
CA GLY D 17 26.58 6.13 7.40
C GLY D 17 26.49 5.87 5.92
N GLU D 18 26.10 4.65 5.55
CA GLU D 18 25.98 4.31 4.14
C GLU D 18 24.95 5.20 3.44
N TRP D 19 23.85 5.49 4.13
CA TRP D 19 22.82 6.40 3.61
C TRP D 19 23.35 7.82 3.39
N ILE D 20 24.09 8.35 4.36
CA ILE D 20 24.71 9.66 4.18
C ILE D 20 25.60 9.68 2.95
N LEU D 21 26.42 8.64 2.80
CA LEU D 21 27.41 8.58 1.71
C LEU D 21 26.75 8.40 0.35
N GLU D 22 25.65 7.65 0.31
CA GLU D 22 24.90 7.44 -0.93
C GLU D 22 24.25 8.75 -1.39
N GLN D 23 23.73 9.52 -0.43
CA GLN D 23 23.07 10.80 -0.71
C GLN D 23 24.05 11.88 -1.17
N ALA D 24 25.14 12.04 -0.43
CA ALA D 24 26.14 13.08 -0.69
C ALA D 24 26.91 12.86 -2.00
N GLY D 25 27.60 13.91 -2.44
CA GLY D 25 28.53 13.84 -3.55
C GLY D 25 29.97 14.03 -3.07
N GLU D 26 30.90 13.93 -4.00
CA GLU D 26 32.34 13.99 -3.70
C GLU D 26 32.74 15.22 -2.88
N ASP D 27 32.18 16.37 -3.22
CA ASP D 27 32.50 17.63 -2.54
C ASP D 27 31.62 17.88 -1.32
N LYS D 28 30.88 16.85 -0.89
CA LYS D 28 29.93 16.93 0.24
C LYS D 28 28.86 18.01 0.01
N GLU D 29 28.74 18.45 -1.23
CA GLU D 29 27.83 19.52 -1.63
C GLU D 29 26.38 19.02 -1.68
N ASN D 30 26.23 17.69 -1.68
CA ASN D 30 24.93 17.05 -1.75
C ASN D 30 24.56 16.33 -0.46
N LEU D 31 25.24 16.68 0.63
CA LEU D 31 24.89 16.14 1.95
C LEU D 31 23.44 16.43 2.27
N PRO D 32 22.73 15.45 2.89
CA PRO D 32 21.41 15.75 3.44
C PRO D 32 21.51 16.95 4.39
N SER D 33 20.45 17.75 4.43
CA SER D 33 20.37 18.89 5.35
C SER D 33 20.52 18.37 6.78
N ASP D 34 20.91 19.25 7.70
CA ASP D 34 21.02 18.83 9.10
C ASP D 34 19.69 18.35 9.66
N VAL D 35 18.59 18.93 9.17
CA VAL D 35 17.26 18.47 9.54
C VAL D 35 17.04 17.03 9.08
N GLU D 36 17.45 16.72 7.84
CA GLU D 36 17.33 15.37 7.28
C GLU D 36 18.23 14.39 8.00
N LEU D 37 19.44 14.83 8.34
CA LEU D 37 20.37 13.98 9.08
C LEU D 37 19.80 13.54 10.42
N TYR D 38 19.13 14.47 11.11
CA TYR D 38 18.55 14.20 12.42
C TYR D 38 17.34 13.29 12.30
N LYS D 39 16.46 13.61 11.37
CA LYS D 39 15.27 12.77 11.16
C LYS D 39 15.62 11.32 10.81
N LYS D 40 16.63 11.13 9.97
CA LYS D 40 17.03 9.79 9.57
C LYS D 40 17.65 9.04 10.75
N ALA D 41 18.43 9.75 11.57
CA ALA D 41 19.00 9.15 12.78
C ALA D 41 17.91 8.64 13.70
N ALA D 42 16.82 9.40 13.80
CA ALA D 42 15.67 8.98 14.61
C ALA D 42 15.04 7.72 14.02
N GLU D 43 14.89 7.72 12.69
CA GLU D 43 14.25 6.62 11.96
C GLU D 43 15.01 5.32 12.17
N LEU D 44 16.35 5.41 12.12
CA LEU D 44 17.22 4.25 12.22
C LEU D 44 17.60 3.92 13.67
N ASP D 45 17.08 4.70 14.61
CA ASP D 45 17.27 4.46 16.05
C ASP D 45 18.74 4.53 16.46
N VAL D 46 19.45 5.48 15.88
CA VAL D 46 20.87 5.67 16.21
C VAL D 46 21.10 6.93 17.10
N LEU D 47 20.07 7.75 17.30
CA LEU D 47 20.24 8.88 18.22
C LEU D 47 20.69 8.43 19.60
N ASN D 48 20.17 7.28 20.04
CA ASN D 48 20.46 6.72 21.37
CA ASN D 48 20.50 6.80 21.39
C ASN D 48 21.75 5.92 21.44
N ASP D 49 22.54 5.97 20.37
CA ASP D 49 23.78 5.23 20.31
C ASP D 49 24.95 6.21 20.31
N PRO D 50 25.76 6.21 21.38
CA PRO D 50 26.91 7.14 21.41
C PRO D 50 27.83 7.04 20.19
N LYS D 51 27.83 5.90 19.51
CA LYS D 51 28.71 5.76 18.35
C LYS D 51 28.24 6.57 17.16
N ILE D 52 27.04 7.16 17.24
CA ILE D 52 26.56 7.96 16.12
C ILE D 52 27.57 9.06 15.78
N GLY D 53 28.23 9.63 16.79
CA GLY D 53 29.25 10.66 16.56
C GLY D 53 30.40 10.17 15.69
N CYS D 54 30.76 8.91 15.91
CA CYS D 54 31.87 8.31 15.20
C CYS D 54 31.51 8.18 13.72
N VAL D 55 30.28 7.76 13.45
CA VAL D 55 29.82 7.64 12.07
C VAL D 55 29.79 9.00 11.38
N LEU D 56 29.17 10.00 12.03
CA LEU D 56 29.06 11.34 11.47
C LEU D 56 30.42 11.94 11.11
N ALA D 57 31.40 11.79 12.00
CA ALA D 57 32.73 12.37 11.75
C ALA D 57 33.44 11.77 10.53
N GLN D 58 33.02 10.56 10.14
CA GLN D 58 33.60 9.87 8.98
C GLN D 58 32.80 10.04 7.70
N CYS D 59 31.63 10.70 7.79
CA CYS D 59 30.77 10.87 6.61
C CYS D 59 30.57 12.30 6.14
N LEU D 60 30.68 13.27 7.04
CA LEU D 60 30.27 14.64 6.70
C LEU D 60 31.36 15.47 6.03
N PHE D 61 32.61 15.02 6.14
CA PHE D 61 33.74 15.91 5.85
C PHE D 61 34.63 15.45 4.70
N ASP D 62 35.29 16.41 4.07
CA ASP D 62 36.30 16.11 3.07
C ASP D 62 37.48 17.05 3.32
N GLU D 63 38.25 17.36 2.29
CA GLU D 63 39.43 18.22 2.45
C GLU D 63 39.11 19.62 3.02
N ASP D 64 37.85 20.03 2.95
CA ASP D 64 37.43 21.34 3.46
C ASP D 64 36.93 21.26 4.90
N ILE D 65 37.40 20.24 5.61
CA ILE D 65 36.94 19.97 6.97
C ILE D 65 37.00 21.19 7.92
N VAL D 66 38.08 21.98 7.85
CA VAL D 66 38.19 23.09 8.81
C VAL D 66 36.98 24.00 8.76
N ASN D 67 36.54 24.33 7.54
CA ASN D 67 35.35 25.12 7.35
C ASN D 67 34.09 24.31 7.68
N GLU D 68 34.04 23.08 7.17
CA GLU D 68 32.84 22.27 7.35
C GLU D 68 32.49 21.95 8.80
N ILE D 69 33.51 21.79 9.62
CA ILE D 69 33.30 21.24 10.96
C ILE D 69 32.49 22.19 11.86
N ALA D 70 32.45 23.48 11.49
CA ALA D 70 31.66 24.46 12.23
C ALA D 70 30.36 24.86 11.51
N GLU D 71 29.98 24.07 10.51
CA GLU D 71 28.81 24.32 9.65
CA GLU D 71 28.79 24.39 9.73
C GLU D 71 27.58 23.53 10.10
N HIS D 72 27.71 22.76 11.17
CA HIS D 72 26.60 21.90 11.64
C HIS D 72 26.33 22.10 13.15
N ASN D 73 26.47 23.33 13.64
CA ASN D 73 26.50 23.53 15.09
C ASN D 73 25.25 23.11 15.84
N ALA D 74 24.08 23.57 15.40
CA ALA D 74 22.83 23.21 16.08
C ALA D 74 22.64 21.69 16.06
N PHE D 75 22.95 21.09 14.93
CA PHE D 75 22.86 19.63 14.78
C PHE D 75 23.76 18.90 15.77
N PHE D 76 25.05 19.26 15.81
CA PHE D 76 25.97 18.59 16.73
C PHE D 76 25.58 18.83 18.18
N THR D 77 25.07 20.02 18.51
CA THR D 77 24.71 20.25 19.91
CA THR D 77 24.63 20.34 19.87
C THR D 77 23.48 19.45 20.32
N LYS D 78 22.62 19.06 19.37
CA LYS D 78 21.47 18.22 19.70
C LYS D 78 21.75 16.71 19.58
N ILE D 79 22.87 16.35 18.95
CA ILE D 79 23.31 14.95 18.72
C ILE D 79 24.32 14.48 19.77
N LEU D 80 25.31 15.31 20.05
CA LEU D 80 26.43 14.91 20.90
C LEU D 80 26.05 15.16 22.37
N VAL D 81 25.18 14.28 22.87
CA VAL D 81 24.40 14.56 24.10
C VAL D 81 25.06 14.17 25.42
N THR D 82 26.18 13.45 25.35
CA THR D 82 26.97 13.12 26.54
C THR D 82 28.44 13.13 26.17
N PRO D 83 29.33 13.15 27.17
CA PRO D 83 30.78 13.04 26.89
C PRO D 83 31.16 11.79 26.10
N GLU D 84 30.37 10.71 26.19
CA GLU D 84 30.70 9.49 25.43
C GLU D 84 30.45 9.72 23.93
N TYR D 85 29.43 10.51 23.61
CA TYR D 85 29.18 10.88 22.22
C TYR D 85 30.32 11.73 21.71
N GLU D 86 30.83 12.66 22.55
CA GLU D 86 31.97 13.49 22.16
CA GLU D 86 31.99 13.47 22.15
C GLU D 86 33.23 12.63 21.93
N LYS D 87 33.49 11.68 22.83
CA LYS D 87 34.63 10.78 22.69
C LYS D 87 34.54 10.03 21.35
N ASN D 88 33.34 9.54 21.03
CA ASN D 88 33.15 8.81 19.77
CA ASN D 88 33.20 8.81 19.78
C ASN D 88 33.33 9.71 18.55
N PHE D 89 32.86 10.97 18.63
CA PHE D 89 33.08 11.90 17.54
C PHE D 89 34.58 12.09 17.28
N MET D 90 35.34 12.29 18.36
CA MET D 90 36.79 12.43 18.22
C MET D 90 37.43 11.18 17.62
N GLY D 91 36.89 10.02 17.99
CA GLY D 91 37.37 8.75 17.42
C GLY D 91 37.10 8.67 15.94
N GLY D 92 35.96 9.22 15.51
CA GLY D 92 35.65 9.30 14.07
C GLY D 92 36.59 10.24 13.33
N ILE D 93 36.89 11.40 13.93
CA ILE D 93 37.92 12.28 13.39
C ILE D 93 39.26 11.58 13.30
N GLU D 94 39.58 10.78 14.32
CA GLU D 94 40.83 10.01 14.28
C GLU D 94 40.89 9.01 13.11
N ARG D 95 39.78 8.33 12.82
CA ARG D 95 39.70 7.43 11.67
C ARG D 95 39.79 8.20 10.35
N PHE D 96 39.07 9.32 10.29
CA PHE D 96 39.07 10.17 9.11
C PHE D 96 40.50 10.62 8.78
N LEU D 97 41.22 11.16 9.76
CA LEU D 97 42.58 11.67 9.52
C LEU D 97 43.60 10.56 9.39
N GLY D 98 43.51 9.56 10.27
CA GLY D 98 44.56 8.55 10.39
C GLY D 98 44.52 7.48 9.33
N LEU D 99 43.32 7.15 8.87
CA LEU D 99 43.14 6.07 7.89
C LEU D 99 42.89 6.61 6.49
N GLU D 100 42.09 7.67 6.37
CA GLU D 100 41.60 8.12 5.07
C GLU D 100 42.31 9.35 4.49
N HIS D 101 42.77 10.23 5.37
CA HIS D 101 43.32 11.53 4.95
C HIS D 101 44.55 11.94 5.77
N LYS D 102 45.59 11.12 5.72
CA LYS D 102 46.80 11.39 6.50
C LYS D 102 47.43 12.74 6.18
N ASP D 103 47.27 13.19 4.93
CA ASP D 103 47.78 14.50 4.52
C ASP D 103 47.06 15.68 5.20
N LEU D 104 45.91 15.41 5.83
CA LEU D 104 45.17 16.44 6.56
C LEU D 104 45.51 16.46 8.05
N ILE D 105 46.40 15.57 8.50
CA ILE D 105 46.77 15.53 9.92
C ILE D 105 47.29 16.89 10.46
N PRO D 106 48.11 17.62 9.67
CA PRO D 106 48.52 18.97 10.14
C PRO D 106 47.37 19.95 10.41
N LEU D 107 46.15 19.61 9.99
CA LEU D 107 45.00 20.48 10.24
C LEU D 107 44.34 20.21 11.60
N LEU D 108 44.84 19.21 12.33
CA LEU D 108 44.20 18.82 13.57
C LEU D 108 44.12 19.96 14.59
N PRO D 109 45.21 20.71 14.83
CA PRO D 109 45.05 21.84 15.78
C PRO D 109 43.91 22.77 15.40
N LYS D 110 43.81 23.16 14.13
CA LYS D 110 42.72 24.07 13.73
C LYS D 110 41.34 23.43 13.87
N ILE D 111 41.26 22.14 13.55
CA ILE D 111 40.02 21.39 13.77
C ILE D 111 39.62 21.46 15.26
N LEU D 112 40.59 21.24 16.15
CA LEU D 112 40.32 21.33 17.59
C LEU D 112 39.88 22.75 18.02
N VAL D 113 40.56 23.77 17.49
CA VAL D 113 40.14 25.16 17.75
C VAL D 113 38.65 25.34 17.38
N GLN D 114 38.26 24.83 16.22
CA GLN D 114 36.87 24.95 15.79
C GLN D 114 35.92 24.21 16.72
N LEU D 115 36.28 22.98 17.09
CA LEU D 115 35.41 22.17 17.95
C LEU D 115 35.25 22.79 19.33
N TYR D 116 36.35 23.36 19.82
CA TYR D 116 36.41 24.01 21.12
C TYR D 116 35.55 25.29 21.15
N ASN D 117 35.80 26.18 20.19
CA ASN D 117 35.10 27.47 20.19
C ASN D 117 33.61 27.36 19.97
N ASN D 118 33.20 26.35 19.21
CA ASN D 118 31.80 26.16 18.90
C ASN D 118 31.09 25.24 19.87
N ASP D 119 31.78 24.87 20.96
CA ASP D 119 31.21 24.04 22.03
C ASP D 119 30.71 22.70 21.52
N ILE D 120 31.37 22.18 20.49
CA ILE D 120 31.02 20.88 19.93
CA ILE D 120 31.02 20.88 19.93
C ILE D 120 31.62 19.77 20.80
N ILE D 121 32.92 19.92 21.11
CA ILE D 121 33.63 18.99 21.96
C ILE D 121 34.21 19.77 23.14
N SER D 122 34.00 19.26 24.35
CA SER D 122 34.46 19.89 25.57
C SER D 122 35.98 19.91 25.67
N GLU D 123 36.49 20.89 26.40
CA GLU D 123 37.90 20.92 26.75
C GLU D 123 38.35 19.59 27.33
N GLU D 124 37.51 19.02 28.19
CA GLU D 124 37.84 17.78 28.89
C GLU D 124 38.07 16.63 27.90
N GLU D 125 37.21 16.51 26.89
CA GLU D 125 37.34 15.44 25.92
C GLU D 125 38.49 15.71 24.95
N ILE D 126 38.73 16.98 24.64
CA ILE D 126 39.89 17.31 23.79
C ILE D 126 41.19 16.95 24.52
N MET D 127 41.24 17.28 25.81
CA MET D 127 42.41 16.93 26.62
C MET D 127 42.66 15.44 26.64
N ARG D 128 41.60 14.65 26.83
CA ARG D 128 41.74 13.21 26.85
CA ARG D 128 41.74 13.21 26.85
CA ARG D 128 41.71 13.19 26.84
C ARG D 128 42.28 12.70 25.52
N PHE D 129 41.75 13.23 24.43
CA PHE D 129 42.19 12.88 23.08
C PHE D 129 43.68 13.13 22.84
N GLY D 130 44.16 14.29 23.29
CA GLY D 130 45.51 14.72 22.99
C GLY D 130 46.54 14.32 24.01
N THR D 131 46.14 13.62 25.08
CA THR D 131 47.11 13.20 26.11
C THR D 131 47.33 11.68 26.20
N LYS D 132 46.54 10.93 25.44
CA LYS D 132 46.59 9.46 25.49
C LYS D 132 46.46 8.93 24.08
N SER D 133 47.15 7.83 23.78
CA SER D 133 46.88 7.10 22.55
C SER D 133 45.82 6.04 22.85
N SER D 134 45.15 5.54 21.82
CA SER D 134 44.12 4.53 22.00
C SER D 134 44.11 3.56 20.84
N LYS D 135 43.76 2.30 21.12
CA LYS D 135 43.50 1.30 20.08
C LYS D 135 42.02 1.20 19.73
N LYS D 136 41.17 2.02 20.37
CA LYS D 136 39.73 1.85 20.20
C LYS D 136 39.21 2.19 18.79
N PHE D 137 39.79 3.20 18.15
CA PHE D 137 39.27 3.65 16.86
C PHE D 137 40.19 3.36 15.68
N VAL D 138 41.48 3.39 15.92
CA VAL D 138 42.49 3.12 14.89
C VAL D 138 43.59 2.31 15.54
N PRO D 139 44.46 1.67 14.72
CA PRO D 139 45.59 0.98 15.32
C PRO D 139 46.46 1.92 16.16
N LYS D 140 47.10 1.38 17.19
CA LYS D 140 47.88 2.16 18.16
C LYS D 140 48.88 3.13 17.51
N GLU D 141 49.62 2.65 16.51
CA GLU D 141 50.62 3.49 15.87
C GLU D 141 49.99 4.63 15.06
N VAL D 142 48.83 4.38 14.47
CA VAL D 142 48.09 5.42 13.76
C VAL D 142 47.57 6.44 14.79
N SER D 143 47.13 5.95 15.95
CA SER D 143 46.63 6.82 17.01
C SER D 143 47.70 7.78 17.48
N LYS D 144 48.91 7.26 17.68
CA LYS D 144 50.02 8.11 18.10
C LYS D 144 50.31 9.21 17.09
N LYS D 145 50.30 8.86 15.80
CA LYS D 145 50.57 9.81 14.72
C LYS D 145 49.53 10.93 14.68
N VAL D 146 48.26 10.57 14.72
CA VAL D 146 47.20 11.56 14.69
C VAL D 146 47.25 12.43 15.94
N ARG D 147 47.33 11.80 17.12
CA ARG D 147 47.12 12.56 18.35
C ARG D 147 48.31 13.44 18.71
N ARG D 148 49.51 13.06 18.27
CA ARG D 148 50.69 13.89 18.50
C ARG D 148 50.54 15.25 17.81
N ALA D 149 49.78 15.27 16.71
CA ALA D 149 49.54 16.52 15.97
C ALA D 149 48.71 17.53 16.75
N ALA D 150 48.00 17.07 17.78
CA ALA D 150 47.18 17.96 18.61
C ALA D 150 48.00 18.79 19.60
N LYS D 151 49.28 18.42 19.77
CA LYS D 151 50.08 18.99 20.87
C LYS D 151 50.02 20.52 21.05
N PRO D 152 50.17 21.30 19.95
CA PRO D 152 50.15 22.76 20.19
C PRO D 152 48.88 23.24 20.89
N PHE D 153 47.73 22.66 20.52
CA PHE D 153 46.47 23.04 21.15
C PHE D 153 46.36 22.52 22.59
N ILE D 154 46.84 21.31 22.82
CA ILE D 154 46.84 20.74 24.17
C ILE D 154 47.64 21.63 25.14
N THR D 155 48.84 22.02 24.71
CA THR D 155 49.69 22.91 25.49
C THR D 155 48.96 24.23 25.78
N TRP D 156 48.29 24.78 24.76
CA TRP D 156 47.54 26.00 24.93
C TRP D 156 46.45 25.86 26.00
N LEU D 157 45.71 24.75 25.97
CA LEU D 157 44.65 24.47 26.95
C LEU D 157 45.19 24.42 28.38
N GLU D 158 46.38 23.86 28.52
CA GLU D 158 47.01 23.72 29.82
C GLU D 158 47.47 25.04 30.42
N THR D 159 48.00 25.92 29.57
CA THR D 159 48.62 27.16 30.03
C THR D 159 47.70 28.36 29.90
N GLU D 167 46.95 45.44 27.97
CA GLU D 167 46.35 46.05 29.16
C GLU D 167 44.98 45.44 29.51
N ASP D 168 44.25 45.01 28.48
CA ASP D 168 42.94 44.36 28.62
C ASP D 168 41.82 45.26 29.19
N ASP D 169 41.88 46.55 28.87
CA ASP D 169 40.85 47.51 29.27
C ASP D 169 39.68 47.50 28.29
N GLU D 170 38.47 47.67 28.81
CA GLU D 170 37.27 47.82 27.96
C GLU D 170 37.45 49.01 27.02
N LEU D 171 37.11 48.82 25.75
CA LEU D 171 37.49 49.75 24.68
C LEU D 171 36.82 51.12 24.75
N GLU D 172 35.49 51.14 24.63
CA GLU D 172 34.69 52.37 24.56
C GLU D 172 35.18 53.33 23.48
N PRO E 3 34.26 -7.96 3.97
CA PRO E 3 33.62 -9.23 3.64
C PRO E 3 34.25 -9.91 2.43
N GLU E 4 35.43 -9.42 2.02
CA GLU E 4 36.07 -9.86 0.79
C GLU E 4 37.32 -10.75 0.99
N PHE E 5 37.92 -10.70 2.18
CA PHE E 5 39.13 -11.47 2.45
C PHE E 5 38.88 -12.72 3.30
N VAL E 6 38.00 -12.61 4.29
CA VAL E 6 37.60 -13.75 5.10
C VAL E 6 36.08 -13.85 5.18
N ASN E 7 35.58 -15.06 5.48
CA ASN E 7 34.13 -15.21 5.69
CA ASN E 7 34.15 -15.30 5.68
C ASN E 7 33.75 -15.43 7.17
N SER E 8 34.65 -14.99 8.05
CA SER E 8 34.47 -15.08 9.51
C SER E 8 33.12 -14.56 10.02
N GLU E 9 32.69 -13.40 9.52
CA GLU E 9 31.46 -12.75 9.97
C GLU E 9 30.15 -13.43 9.52
N LEU E 10 30.24 -14.30 8.52
CA LEU E 10 29.05 -14.94 7.95
C LEU E 10 28.70 -16.27 8.62
N THR E 11 27.42 -16.45 8.91
CA THR E 11 26.92 -17.75 9.35
C THR E 11 26.65 -18.60 8.10
N GLN E 12 26.39 -19.90 8.31
CA GLN E 12 26.08 -20.80 7.19
C GLN E 12 24.81 -20.39 6.47
N LEU E 13 23.88 -19.83 7.24
CA LEU E 13 22.67 -19.27 6.66
C LEU E 13 22.97 -18.03 5.82
N ASP E 14 23.82 -17.14 6.33
CA ASP E 14 24.33 -15.99 5.56
C ASP E 14 24.89 -16.44 4.20
N GLU E 15 25.67 -17.53 4.19
CA GLU E 15 26.26 -18.06 2.95
C GLU E 15 25.22 -18.61 1.95
N TYR E 16 24.17 -19.23 2.48
CA TYR E 16 23.05 -19.67 1.64
C TYR E 16 22.45 -18.47 0.91
N GLY E 17 22.18 -17.40 1.68
CA GLY E 17 21.68 -16.16 1.12
C GLY E 17 22.60 -15.63 0.03
N GLU E 18 23.89 -15.58 0.34
CA GLU E 18 24.87 -15.11 -0.63
C GLU E 18 24.90 -15.95 -1.91
N TRP E 19 24.77 -17.26 -1.76
CA TRP E 19 24.74 -18.16 -2.92
C TRP E 19 23.51 -17.86 -3.79
N ILE E 20 22.35 -17.63 -3.17
CA ILE E 20 21.18 -17.26 -3.96
C ILE E 20 21.42 -15.96 -4.72
N LEU E 21 21.89 -14.93 -4.00
CA LEU E 21 22.08 -13.60 -4.58
C LEU E 21 23.06 -13.61 -5.74
N GLU E 22 24.15 -14.35 -5.59
CA GLU E 22 25.14 -14.50 -6.68
C GLU E 22 24.48 -15.13 -7.90
N GLN E 23 23.78 -16.25 -7.71
CA GLN E 23 23.18 -16.99 -8.83
C GLN E 23 22.11 -16.15 -9.57
N ALA E 24 21.35 -15.37 -8.81
CA ALA E 24 20.05 -14.84 -9.27
C ALA E 24 20.04 -13.71 -10.31
N GLY E 25 21.02 -12.81 -10.25
CA GLY E 25 20.99 -11.61 -11.11
C GLY E 25 20.19 -10.49 -10.49
N GLU E 26 20.34 -9.28 -11.05
CA GLU E 26 19.72 -8.07 -10.52
CA GLU E 26 19.71 -8.07 -10.51
C GLU E 26 18.19 -8.07 -10.63
N ASP E 27 17.68 -8.69 -11.69
CA ASP E 27 16.24 -8.77 -11.91
C ASP E 27 15.69 -10.13 -11.50
N LYS E 28 16.52 -10.90 -10.80
CA LYS E 28 16.16 -12.24 -10.33
C LYS E 28 15.82 -13.15 -11.51
N GLU E 29 16.51 -12.95 -12.64
CA GLU E 29 16.22 -13.71 -13.86
C GLU E 29 16.85 -15.09 -13.88
N ASN E 30 17.85 -15.31 -13.03
CA ASN E 30 18.52 -16.60 -12.96
C ASN E 30 18.43 -17.26 -11.58
N LEU E 31 17.29 -17.09 -10.91
CA LEU E 31 17.08 -17.76 -9.63
C LEU E 31 17.26 -19.26 -9.80
N PRO E 32 17.92 -19.91 -8.84
CA PRO E 32 17.89 -21.38 -8.87
C PRO E 32 16.43 -21.86 -8.76
N SER E 33 16.14 -23.01 -9.37
CA SER E 33 14.80 -23.59 -9.28
C SER E 33 14.47 -23.89 -7.82
N ASP E 34 13.19 -24.08 -7.53
CA ASP E 34 12.78 -24.40 -6.17
C ASP E 34 13.37 -25.74 -5.70
N VAL E 35 13.53 -26.70 -6.63
CA VAL E 35 14.20 -27.94 -6.29
C VAL E 35 15.65 -27.65 -5.89
N GLU E 36 16.36 -26.84 -6.68
CA GLU E 36 17.75 -26.47 -6.39
C GLU E 36 17.87 -25.71 -5.07
N LEU E 37 16.93 -24.80 -4.80
CA LEU E 37 16.96 -24.02 -3.55
C LEU E 37 16.85 -24.94 -2.34
N TYR E 38 15.98 -25.95 -2.43
CA TYR E 38 15.76 -26.85 -1.29
C TYR E 38 16.96 -27.78 -1.11
N LYS E 39 17.44 -28.32 -2.23
CA LYS E 39 18.57 -29.23 -2.18
C LYS E 39 19.80 -28.56 -1.59
N LYS E 40 20.01 -27.30 -1.96
CA LYS E 40 21.13 -26.52 -1.45
C LYS E 40 21.01 -26.25 0.06
N ALA E 41 19.80 -25.91 0.51
CA ALA E 41 19.59 -25.72 1.94
C ALA E 41 19.88 -27.01 2.72
N ALA E 42 19.46 -28.14 2.17
CA ALA E 42 19.74 -29.45 2.77
C ALA E 42 21.25 -29.75 2.82
N GLU E 43 21.93 -29.44 1.71
CA GLU E 43 23.38 -29.66 1.55
CA GLU E 43 23.36 -29.70 1.60
C GLU E 43 24.17 -28.80 2.53
N LEU E 44 23.71 -27.56 2.73
CA LEU E 44 24.37 -26.63 3.66
CA LEU E 44 24.34 -26.62 3.66
C LEU E 44 23.89 -26.83 5.10
N ASP E 45 22.94 -27.74 5.29
CA ASP E 45 22.40 -28.07 6.62
C ASP E 45 21.84 -26.81 7.31
N VAL E 46 21.11 -25.99 6.55
CA VAL E 46 20.45 -24.80 7.13
C VAL E 46 18.92 -24.94 7.20
N LEU E 47 18.39 -26.11 6.84
CA LEU E 47 16.94 -26.35 6.93
C LEU E 47 16.44 -26.26 8.38
N ASN E 48 17.32 -26.61 9.32
CA ASN E 48 17.02 -26.59 10.75
CA ASN E 48 16.96 -26.58 10.74
C ASN E 48 17.19 -25.22 11.41
N ASP E 49 17.40 -24.18 10.60
CA ASP E 49 17.58 -22.84 11.15
C ASP E 49 16.33 -22.03 10.91
N PRO E 50 15.58 -21.67 11.97
CA PRO E 50 14.33 -20.94 11.77
C PRO E 50 14.48 -19.59 11.08
N LYS E 51 15.69 -19.05 10.98
CA LYS E 51 15.88 -17.80 10.26
C LYS E 51 15.93 -17.99 8.75
N ILE E 52 15.88 -19.24 8.28
CA ILE E 52 15.98 -19.48 6.83
C ILE E 52 14.95 -18.69 6.02
N GLY E 53 13.72 -18.60 6.53
CA GLY E 53 12.66 -17.86 5.82
C GLY E 53 12.93 -16.36 5.72
N CYS E 54 13.58 -15.82 6.76
CA CYS E 54 13.95 -14.41 6.79
C CYS E 54 14.95 -14.11 5.65
N VAL E 55 15.91 -15.00 5.49
CA VAL E 55 16.89 -14.87 4.41
C VAL E 55 16.22 -15.02 3.04
N LEU E 56 15.40 -16.06 2.88
CA LEU E 56 14.71 -16.26 1.60
C LEU E 56 13.85 -15.05 1.19
N ALA E 57 13.13 -14.48 2.13
CA ALA E 57 12.26 -13.32 1.84
C ALA E 57 13.06 -12.11 1.33
N GLN E 58 14.36 -12.08 1.64
CA GLN E 58 15.25 -11.00 1.23
C GLN E 58 16.09 -11.29 0.00
N CYS E 59 16.06 -12.53 -0.47
CA CYS E 59 16.89 -12.93 -1.61
C CYS E 59 16.10 -13.29 -2.86
N LEU E 60 14.86 -13.73 -2.70
CA LEU E 60 14.10 -14.24 -3.85
C LEU E 60 13.40 -13.17 -4.67
N PHE E 61 13.15 -12.01 -4.05
CA PHE E 61 12.22 -11.04 -4.64
C PHE E 61 12.83 -9.70 -4.99
N ASP E 62 12.20 -9.00 -5.91
CA ASP E 62 12.54 -7.62 -6.25
C ASP E 62 11.24 -6.81 -6.30
N GLU E 63 11.25 -5.73 -7.09
CA GLU E 63 10.09 -4.82 -7.20
CA GLU E 63 10.09 -4.84 -7.16
C GLU E 63 8.80 -5.53 -7.62
N ASP E 64 8.93 -6.68 -8.30
CA ASP E 64 7.77 -7.44 -8.75
C ASP E 64 7.28 -8.50 -7.74
N ILE E 65 7.59 -8.29 -6.47
CA ILE E 65 7.21 -9.22 -5.39
C ILE E 65 5.75 -9.73 -5.41
N VAL E 66 4.78 -8.87 -5.74
CA VAL E 66 3.36 -9.32 -5.79
C VAL E 66 3.16 -10.45 -6.81
N ASN E 67 3.92 -10.39 -7.90
CA ASN E 67 3.81 -11.38 -8.95
C ASN E 67 4.72 -12.57 -8.74
N GLU E 68 5.52 -12.54 -7.67
CA GLU E 68 6.52 -13.58 -7.37
C GLU E 68 6.23 -14.35 -6.10
N ILE E 69 5.57 -13.69 -5.15
CA ILE E 69 5.44 -14.20 -3.78
C ILE E 69 4.67 -15.54 -3.74
N ALA E 70 3.77 -15.75 -4.70
CA ALA E 70 2.98 -16.97 -4.77
C ALA E 70 3.49 -17.97 -5.83
N GLU E 71 4.76 -17.81 -6.24
CA GLU E 71 5.35 -18.67 -7.27
C GLU E 71 6.33 -19.71 -6.73
N HIS E 72 6.30 -19.88 -5.41
CA HIS E 72 7.22 -20.81 -4.76
C HIS E 72 6.48 -21.61 -3.70
N ASN E 73 5.20 -21.94 -3.96
CA ASN E 73 4.36 -22.44 -2.88
C ASN E 73 4.83 -23.76 -2.25
N ALA E 74 5.08 -24.78 -3.07
CA ALA E 74 5.48 -26.07 -2.52
C ALA E 74 6.79 -25.92 -1.74
N PHE E 75 7.74 -25.20 -2.33
CA PHE E 75 9.00 -24.90 -1.68
C PHE E 75 8.77 -24.26 -0.29
N PHE E 76 7.92 -23.22 -0.22
CA PHE E 76 7.70 -22.59 1.08
C PHE E 76 7.03 -23.54 2.06
N THR E 77 6.14 -24.40 1.57
CA THR E 77 5.50 -25.35 2.50
C THR E 77 6.49 -26.38 3.05
N LYS E 78 7.55 -26.66 2.29
CA LYS E 78 8.62 -27.57 2.74
C LYS E 78 9.63 -26.89 3.66
N ILE E 79 9.73 -25.56 3.53
CA ILE E 79 10.76 -24.77 4.24
C ILE E 79 10.24 -24.19 5.57
N LEU E 80 9.02 -23.65 5.55
CA LEU E 80 8.52 -22.93 6.72
C LEU E 80 7.82 -23.91 7.65
N VAL E 81 8.65 -24.68 8.36
CA VAL E 81 8.21 -25.91 9.01
C VAL E 81 7.57 -25.72 10.40
N THR E 82 7.67 -24.52 10.97
CA THR E 82 7.01 -24.22 12.24
C THR E 82 6.55 -22.75 12.24
N PRO E 83 5.69 -22.38 13.19
CA PRO E 83 5.29 -20.97 13.30
C PRO E 83 6.46 -20.00 13.50
N GLU E 84 7.55 -20.47 14.10
CA GLU E 84 8.73 -19.61 14.26
CA GLU E 84 8.76 -19.63 14.27
C GLU E 84 9.36 -19.31 12.90
N TYR E 85 9.36 -20.30 11.99
CA TYR E 85 9.87 -20.04 10.66
C TYR E 85 8.98 -19.02 9.94
N GLU E 86 7.67 -19.12 10.17
CA GLU E 86 6.74 -18.16 9.57
C GLU E 86 6.99 -16.75 10.11
N LYS E 87 7.18 -16.65 11.43
CA LYS E 87 7.50 -15.35 12.06
C LYS E 87 8.73 -14.73 11.41
N ASN E 88 9.77 -15.54 11.22
CA ASN E 88 11.00 -15.04 10.63
CA ASN E 88 11.01 -15.08 10.60
C ASN E 88 10.84 -14.66 9.15
N PHE E 89 10.00 -15.40 8.41
CA PHE E 89 9.73 -15.02 7.03
C PHE E 89 9.08 -13.63 6.98
N MET E 90 8.08 -13.41 7.83
CA MET E 90 7.45 -12.10 7.93
C MET E 90 8.47 -11.01 8.30
N GLY E 91 9.40 -11.34 9.19
CA GLY E 91 10.49 -10.38 9.52
C GLY E 91 11.34 -10.05 8.29
N GLY E 92 11.57 -11.04 7.43
CA GLY E 92 12.33 -10.83 6.19
C GLY E 92 11.55 -9.95 5.22
N ILE E 93 10.24 -10.17 5.09
CA ILE E 93 9.37 -9.30 4.33
CA ILE E 93 9.44 -9.27 4.27
C ILE E 93 9.48 -7.86 4.83
N GLU E 94 9.44 -7.72 6.16
CA GLU E 94 9.51 -6.41 6.79
C GLU E 94 10.84 -5.71 6.46
N ARG E 95 11.94 -6.46 6.46
CA ARG E 95 13.24 -5.90 6.17
C ARG E 95 13.33 -5.51 4.69
N PHE E 96 12.83 -6.38 3.82
CA PHE E 96 12.74 -6.11 2.39
C PHE E 96 11.96 -4.80 2.11
N LEU E 97 10.80 -4.66 2.74
CA LEU E 97 9.98 -3.49 2.48
C LEU E 97 10.52 -2.25 3.17
N GLY E 98 10.92 -2.41 4.43
CA GLY E 98 11.20 -1.28 5.29
C GLY E 98 12.47 -0.52 4.96
N LEU E 99 13.46 -1.23 4.45
CA LEU E 99 14.75 -0.62 4.15
C LEU E 99 14.94 -0.29 2.67
N GLU E 100 14.80 -1.29 1.80
CA GLU E 100 15.13 -1.22 0.37
CA GLU E 100 15.15 -1.01 0.39
C GLU E 100 13.96 -0.83 -0.55
N HIS E 101 12.74 -1.07 -0.06
CA HIS E 101 11.56 -0.93 -0.92
C HIS E 101 10.42 -0.20 -0.22
N LYS E 102 10.71 0.92 0.43
CA LYS E 102 9.68 1.67 1.16
C LYS E 102 8.47 2.06 0.30
N ASP E 103 8.72 2.33 -1.00
CA ASP E 103 7.62 2.69 -1.89
C ASP E 103 6.66 1.53 -2.17
N LEU E 104 7.05 0.33 -1.72
CA LEU E 104 6.21 -0.87 -1.88
C LEU E 104 5.42 -1.22 -0.63
N ILE E 105 5.59 -0.43 0.43
CA ILE E 105 4.87 -0.68 1.67
C ILE E 105 3.34 -0.76 1.46
N PRO E 106 2.76 0.11 0.60
CA PRO E 106 1.32 -0.03 0.34
C PRO E 106 0.87 -1.35 -0.29
N LEU E 107 1.83 -2.16 -0.76
CA LEU E 107 1.50 -3.47 -1.33
C LEU E 107 1.46 -4.54 -0.26
N LEU E 108 1.75 -4.17 0.98
CA LEU E 108 1.75 -5.18 2.04
C LEU E 108 0.39 -5.92 2.18
N PRO E 109 -0.74 -5.20 2.17
CA PRO E 109 -2.01 -5.97 2.22
C PRO E 109 -2.12 -7.04 1.11
N LYS E 110 -1.77 -6.70 -0.12
CA LYS E 110 -1.84 -7.68 -1.22
C LYS E 110 -0.89 -8.85 -0.95
N ILE E 111 0.30 -8.54 -0.43
CA ILE E 111 1.25 -9.58 -0.10
C ILE E 111 0.66 -10.51 0.96
N LEU E 112 0.00 -9.94 1.96
CA LEU E 112 -0.66 -10.75 3.00
C LEU E 112 -1.79 -11.61 2.43
N VAL E 113 -2.62 -11.06 1.54
CA VAL E 113 -3.66 -11.84 0.86
C VAL E 113 -3.04 -13.08 0.21
N GLN E 114 -1.93 -12.89 -0.49
CA GLN E 114 -1.29 -14.01 -1.19
C GLN E 114 -0.71 -15.02 -0.22
N LEU E 115 -0.05 -14.53 0.82
CA LEU E 115 0.55 -15.45 1.78
C LEU E 115 -0.49 -16.24 2.55
N TYR E 116 -1.62 -15.59 2.84
CA TYR E 116 -2.71 -16.24 3.54
C TYR E 116 -3.41 -17.26 2.67
N ASN E 117 -3.77 -16.85 1.44
CA ASN E 117 -4.57 -17.73 0.56
C ASN E 117 -3.79 -18.99 0.17
N ASN E 118 -2.46 -18.88 0.11
CA ASN E 118 -1.64 -19.99 -0.35
C ASN E 118 -1.07 -20.82 0.81
N ASP E 119 -1.54 -20.53 2.02
CA ASP E 119 -1.15 -21.28 3.22
C ASP E 119 0.33 -21.19 3.51
N ILE E 120 0.94 -20.09 3.10
CA ILE E 120 2.37 -19.89 3.31
CA ILE E 120 2.37 -19.87 3.32
C ILE E 120 2.58 -19.43 4.75
N ILE E 121 1.82 -18.40 5.14
CA ILE E 121 1.84 -17.87 6.50
C ILE E 121 0.45 -18.00 7.09
N SER E 122 0.38 -18.56 8.30
CA SER E 122 -0.89 -18.76 8.99
C SER E 122 -1.52 -17.46 9.42
N GLU E 123 -2.85 -17.45 9.52
CA GLU E 123 -3.52 -16.25 9.99
C GLU E 123 -3.04 -15.90 11.41
N GLU E 124 -2.70 -16.93 12.19
CA GLU E 124 -2.15 -16.72 13.53
C GLU E 124 -0.88 -15.87 13.52
N GLU E 125 0.04 -16.18 12.61
CA GLU E 125 1.27 -15.42 12.53
C GLU E 125 1.09 -14.07 11.83
N ILE E 126 0.17 -14.00 10.88
CA ILE E 126 -0.14 -12.68 10.31
C ILE E 126 -0.69 -11.74 11.38
N MET E 127 -1.56 -12.27 12.23
CA MET E 127 -2.15 -11.47 13.31
CA MET E 127 -2.14 -11.50 13.33
C MET E 127 -1.06 -10.97 14.26
N ARG E 128 -0.13 -11.85 14.63
CA ARG E 128 0.99 -11.45 15.50
CA ARG E 128 0.96 -11.45 15.51
C ARG E 128 1.78 -10.34 14.85
N PHE E 129 2.06 -10.50 13.56
CA PHE E 129 2.86 -9.53 12.82
C PHE E 129 2.20 -8.16 12.82
N GLY E 130 0.90 -8.13 12.57
CA GLY E 130 0.19 -6.86 12.40
C GLY E 130 -0.24 -6.19 13.68
N THR E 131 0.00 -6.82 14.82
CA THR E 131 -0.42 -6.27 16.12
C THR E 131 0.72 -5.93 17.09
N LYS E 132 1.96 -6.08 16.65
CA LYS E 132 3.12 -5.67 17.46
C LYS E 132 4.14 -5.01 16.55
N SER E 133 5.15 -4.39 17.16
CA SER E 133 6.34 -3.98 16.41
C SER E 133 7.55 -4.67 17.01
N SER E 134 8.68 -4.60 16.33
CA SER E 134 9.89 -5.29 16.78
C SER E 134 11.11 -4.55 16.24
N LYS E 135 12.24 -4.65 16.91
CA LYS E 135 13.50 -4.16 16.32
C LYS E 135 14.42 -5.28 15.83
N LYS E 136 13.89 -6.51 15.78
CA LYS E 136 14.67 -7.67 15.37
CA LYS E 136 14.70 -7.65 15.38
C LYS E 136 15.06 -7.62 13.90
N PHE E 137 14.15 -7.13 13.06
CA PHE E 137 14.36 -7.16 11.61
C PHE E 137 14.69 -5.80 10.99
N VAL E 138 14.13 -4.74 11.55
CA VAL E 138 14.37 -3.37 11.10
C VAL E 138 14.31 -2.49 12.33
N PRO E 139 14.81 -1.25 12.22
CA PRO E 139 14.74 -0.35 13.37
C PRO E 139 13.30 -0.11 13.82
N LYS E 140 13.11 0.16 15.11
CA LYS E 140 11.76 0.23 15.69
C LYS E 140 10.76 1.11 14.93
N GLU E 141 11.16 2.31 14.53
CA GLU E 141 10.26 3.23 13.81
C GLU E 141 9.91 2.76 12.39
N VAL E 142 10.87 2.09 11.75
CA VAL E 142 10.63 1.45 10.45
C VAL E 142 9.61 0.32 10.61
N SER E 143 9.76 -0.47 11.67
CA SER E 143 8.81 -1.56 11.98
C SER E 143 7.37 -1.05 12.15
N LYS E 144 7.21 0.04 12.90
CA LYS E 144 5.89 0.62 13.09
C LYS E 144 5.30 1.03 11.76
N LYS E 145 6.11 1.64 10.91
CA LYS E 145 5.64 2.08 9.58
C LYS E 145 5.22 0.90 8.69
N VAL E 146 6.03 -0.13 8.64
CA VAL E 146 5.69 -1.25 7.78
C VAL E 146 4.43 -1.93 8.30
N ARG E 147 4.38 -2.19 9.61
CA ARG E 147 3.30 -3.03 10.14
C ARG E 147 1.98 -2.29 10.18
N ARG E 148 2.00 -0.97 10.31
CA ARG E 148 0.75 -0.22 10.22
CA ARG E 148 0.78 -0.18 10.19
C ARG E 148 0.07 -0.42 8.86
N ALA E 149 0.84 -0.66 7.79
CA ALA E 149 0.27 -0.87 6.45
C ALA E 149 -0.54 -2.17 6.36
N ALA E 150 -0.35 -3.07 7.33
CA ALA E 150 -1.13 -4.32 7.37
C ALA E 150 -2.56 -4.11 7.86
N LYS E 151 -2.85 -2.91 8.41
CA LYS E 151 -4.14 -2.65 9.07
CA LYS E 151 -4.12 -2.70 9.08
C LYS E 151 -5.38 -3.21 8.37
N PRO E 152 -5.56 -2.91 7.05
CA PRO E 152 -6.81 -3.40 6.43
C PRO E 152 -6.98 -4.92 6.50
N PHE E 153 -5.87 -5.65 6.34
CA PHE E 153 -5.94 -7.10 6.40
C PHE E 153 -6.19 -7.60 7.84
N ILE E 154 -5.58 -6.95 8.83
CA ILE E 154 -5.82 -7.26 10.23
C ILE E 154 -7.29 -7.06 10.60
N THR E 155 -7.86 -5.93 10.14
CA THR E 155 -9.27 -5.66 10.38
C THR E 155 -10.12 -6.79 9.78
N TRP E 156 -9.75 -7.23 8.57
CA TRP E 156 -10.48 -8.32 7.91
C TRP E 156 -10.40 -9.61 8.73
N LEU E 157 -9.21 -9.94 9.24
CA LEU E 157 -9.07 -11.10 10.14
C LEU E 157 -9.97 -11.01 11.36
N GLU E 158 -10.23 -9.78 11.83
CA GLU E 158 -11.03 -9.55 13.04
C GLU E 158 -12.54 -9.53 12.79
N THR E 159 -12.95 -9.53 11.52
CA THR E 159 -14.39 -9.46 11.18
C THR E 159 -14.99 -10.84 10.97
N ALA E 160 -16.26 -10.98 11.33
CA ALA E 160 -16.99 -12.25 11.18
C ALA E 160 -17.16 -12.64 9.70
N GLU E 161 -17.10 -13.94 9.44
CA GLU E 161 -17.33 -14.48 8.10
C GLU E 161 -18.81 -14.38 7.72
N ASP E 168 -24.90 -19.84 -0.35
CA ASP E 168 -24.22 -20.21 -1.60
C ASP E 168 -24.33 -21.71 -1.85
N ASP E 169 -24.97 -22.08 -2.96
CA ASP E 169 -25.22 -23.48 -3.30
C ASP E 169 -24.32 -23.97 -4.42
N GLU E 170 -23.91 -25.23 -4.34
CA GLU E 170 -23.07 -25.87 -5.36
C GLU E 170 -23.63 -25.67 -6.78
N LEU E 171 -22.74 -25.33 -7.70
CA LEU E 171 -23.09 -25.03 -9.08
C LEU E 171 -23.14 -26.30 -9.93
N GLU E 172 -24.10 -26.35 -10.86
CA GLU E 172 -24.28 -27.50 -11.75
C GLU E 172 -23.76 -27.23 -13.16
N PRO F 3 33.79 3.10 4.17
CA PRO F 3 32.81 2.01 4.21
C PRO F 3 32.70 1.33 5.58
N GLU F 4 33.76 1.36 6.39
CA GLU F 4 33.68 0.87 7.76
C GLU F 4 33.83 2.02 8.74
N PHE F 5 32.94 2.06 9.72
CA PHE F 5 32.90 3.16 10.67
C PHE F 5 33.32 2.75 12.08
N VAL F 6 33.12 1.47 12.39
CA VAL F 6 33.35 0.95 13.75
C VAL F 6 34.52 -0.04 13.66
N ASN F 7 35.64 0.32 14.31
CA ASN F 7 36.88 -0.44 14.34
C ASN F 7 36.69 -1.84 14.92
N SER F 8 37.37 -2.82 14.31
CA SER F 8 37.38 -4.20 14.76
C SER F 8 38.63 -4.87 14.19
N GLU F 9 38.95 -6.06 14.69
CA GLU F 9 40.06 -6.84 14.16
C GLU F 9 39.86 -7.07 12.65
N LEU F 10 38.61 -7.30 12.25
CA LEU F 10 38.26 -7.51 10.84
C LEU F 10 38.46 -6.25 10.00
N THR F 11 38.03 -5.08 10.51
CA THR F 11 38.22 -3.86 9.73
C THR F 11 39.71 -3.57 9.55
N GLN F 12 40.50 -3.92 10.55
CA GLN F 12 41.95 -3.70 10.47
CA GLN F 12 41.96 -3.73 10.50
C GLN F 12 42.57 -4.55 9.37
N LEU F 13 42.17 -5.82 9.28
CA LEU F 13 42.62 -6.69 8.20
C LEU F 13 42.24 -6.14 6.84
N ASP F 14 40.99 -5.68 6.72
CA ASP F 14 40.49 -5.14 5.46
C ASP F 14 41.24 -3.88 5.05
N GLU F 15 41.54 -3.01 6.02
CA GLU F 15 42.33 -1.82 5.76
C GLU F 15 43.68 -2.16 5.13
N TYR F 16 44.35 -3.18 5.68
CA TYR F 16 45.63 -3.60 5.17
C TYR F 16 45.51 -4.12 3.74
N GLY F 17 44.57 -5.04 3.51
CA GLY F 17 44.32 -5.58 2.18
C GLY F 17 43.97 -4.54 1.15
N GLU F 18 43.04 -3.65 1.49
CA GLU F 18 42.64 -2.57 0.59
CA GLU F 18 42.66 -2.59 0.57
C GLU F 18 43.82 -1.66 0.23
N TRP F 19 44.69 -1.39 1.21
CA TRP F 19 45.88 -0.58 0.96
C TRP F 19 46.79 -1.27 -0.07
N ILE F 20 47.04 -2.57 0.11
CA ILE F 20 47.84 -3.31 -0.89
C ILE F 20 47.21 -3.17 -2.29
N LEU F 21 45.91 -3.44 -2.40
CA LEU F 21 45.22 -3.45 -3.69
C LEU F 21 45.20 -2.11 -4.43
N GLU F 22 44.99 -1.03 -3.68
CA GLU F 22 44.96 0.32 -4.25
C GLU F 22 46.34 0.77 -4.76
N GLN F 23 47.41 0.26 -4.16
CA GLN F 23 48.77 0.56 -4.59
C GLN F 23 49.18 -0.30 -5.78
N ALA F 24 48.94 -1.61 -5.66
CA ALA F 24 49.52 -2.63 -6.53
C ALA F 24 49.27 -2.50 -8.03
N GLY F 25 48.08 -2.06 -8.41
CA GLY F 25 47.69 -1.95 -9.81
C GLY F 25 47.13 -3.25 -10.37
N GLU F 26 46.52 -3.14 -11.56
CA GLU F 26 45.83 -4.26 -12.24
C GLU F 26 46.73 -5.49 -12.44
N ASP F 27 47.96 -5.23 -12.88
CA ASP F 27 48.90 -6.30 -13.20
C ASP F 27 49.86 -6.61 -12.03
N LYS F 28 49.55 -6.06 -10.85
CA LYS F 28 50.45 -6.11 -9.67
C LYS F 28 51.83 -5.52 -9.97
N GLU F 29 51.86 -4.54 -10.87
CA GLU F 29 53.10 -3.92 -11.35
C GLU F 29 53.71 -2.94 -10.34
N ASN F 30 52.88 -2.47 -9.41
CA ASN F 30 53.31 -1.46 -8.44
C ASN F 30 53.12 -1.90 -6.98
N LEU F 31 53.28 -3.20 -6.71
CA LEU F 31 53.22 -3.69 -5.33
C LEU F 31 54.20 -2.93 -4.46
N PRO F 32 53.78 -2.57 -3.24
CA PRO F 32 54.72 -2.03 -2.26
C PRO F 32 55.87 -3.05 -2.10
N SER F 33 57.07 -2.57 -1.79
CA SER F 33 58.20 -3.47 -1.56
C SER F 33 57.87 -4.37 -0.35
N ASP F 34 58.54 -5.51 -0.25
CA ASP F 34 58.35 -6.38 0.92
C ASP F 34 58.65 -5.66 2.23
N VAL F 35 59.67 -4.80 2.23
CA VAL F 35 59.94 -3.96 3.40
C VAL F 35 58.73 -3.09 3.77
N GLU F 36 58.12 -2.45 2.77
CA GLU F 36 56.95 -1.60 2.99
CA GLU F 36 56.95 -1.60 2.99
C GLU F 36 55.74 -2.41 3.44
N LEU F 37 55.58 -3.60 2.85
CA LEU F 37 54.48 -4.46 3.23
C LEU F 37 54.55 -4.82 4.70
N TYR F 38 55.76 -5.12 5.17
CA TYR F 38 55.98 -5.47 6.58
C TYR F 38 55.79 -4.29 7.52
N LYS F 39 56.43 -3.18 7.21
CA LYS F 39 56.27 -1.96 8.01
C LYS F 39 54.80 -1.52 8.11
N LYS F 40 54.04 -1.66 7.02
CA LYS F 40 52.64 -1.24 7.03
C LYS F 40 51.78 -2.19 7.86
N ALA F 41 52.11 -3.48 7.85
CA ALA F 41 51.42 -4.45 8.69
C ALA F 41 51.64 -4.14 10.18
N ALA F 42 52.85 -3.69 10.55
CA ALA F 42 53.14 -3.28 11.92
C ALA F 42 52.32 -2.04 12.26
N GLU F 43 52.35 -1.06 11.37
CA GLU F 43 51.65 0.19 11.61
C GLU F 43 50.15 -0.04 11.80
N LEU F 44 49.58 -0.94 10.99
CA LEU F 44 48.15 -1.23 11.05
C LEU F 44 47.79 -2.31 12.09
N ASP F 45 48.80 -2.80 12.81
CA ASP F 45 48.61 -3.76 13.90
C ASP F 45 47.90 -5.05 13.44
N VAL F 46 48.37 -5.58 12.31
CA VAL F 46 47.81 -6.84 11.81
C VAL F 46 48.85 -7.94 11.80
N LEU F 47 50.09 -7.65 12.19
CA LEU F 47 51.10 -8.73 12.27
C LEU F 47 50.68 -9.83 13.25
N ASN F 48 49.99 -9.43 14.32
CA ASN F 48 49.60 -10.38 15.37
CA ASN F 48 49.61 -10.39 15.36
C ASN F 48 48.31 -11.12 15.08
N ASP F 49 47.81 -11.00 13.85
CA ASP F 49 46.56 -11.68 13.48
C ASP F 49 46.87 -12.76 12.45
N PRO F 50 46.71 -14.05 12.81
CA PRO F 50 47.00 -15.12 11.86
C PRO F 50 46.26 -15.00 10.53
N LYS F 51 45.14 -14.28 10.52
CA LYS F 51 44.40 -14.08 9.29
C LYS F 51 45.12 -13.21 8.27
N ILE F 52 46.17 -12.52 8.71
CA ILE F 52 46.96 -11.73 7.76
C ILE F 52 47.44 -12.61 6.58
N GLY F 53 47.69 -13.90 6.84
CA GLY F 53 48.12 -14.82 5.77
C GLY F 53 47.07 -14.93 4.67
N CYS F 54 45.82 -14.97 5.09
CA CYS F 54 44.72 -15.10 4.17
C CYS F 54 44.56 -13.85 3.30
N VAL F 55 44.70 -12.69 3.93
CA VAL F 55 44.65 -11.43 3.20
C VAL F 55 45.77 -11.37 2.15
N LEU F 56 47.00 -11.66 2.56
CA LEU F 56 48.13 -11.54 1.65
C LEU F 56 47.99 -12.45 0.43
N ALA F 57 47.52 -13.69 0.64
CA ALA F 57 47.39 -14.64 -0.48
C ALA F 57 46.34 -14.18 -1.51
N GLN F 58 45.45 -13.27 -1.11
CA GLN F 58 44.43 -12.71 -2.01
C GLN F 58 44.78 -11.34 -2.60
N CYS F 59 45.89 -10.74 -2.16
CA CYS F 59 46.24 -9.39 -2.61
C CYS F 59 47.48 -9.32 -3.48
N LEU F 60 48.42 -10.24 -3.26
CA LEU F 60 49.73 -10.12 -3.90
C LEU F 60 49.80 -10.68 -5.31
N PHE F 61 48.84 -11.53 -5.68
CA PHE F 61 49.01 -12.39 -6.85
C PHE F 61 47.94 -12.18 -7.91
N ASP F 62 48.30 -12.51 -9.14
CA ASP F 62 47.36 -12.59 -10.26
C ASP F 62 47.64 -13.88 -11.05
N GLU F 63 47.36 -13.85 -12.35
CA GLU F 63 47.51 -15.00 -13.25
C GLU F 63 48.91 -15.60 -13.24
N ASP F 64 49.91 -14.77 -12.90
CA ASP F 64 51.30 -15.23 -12.88
C ASP F 64 51.73 -15.75 -11.49
N ILE F 65 50.75 -16.16 -10.70
CA ILE F 65 51.00 -16.61 -9.34
C ILE F 65 52.14 -17.64 -9.22
N VAL F 66 52.24 -18.58 -10.14
CA VAL F 66 53.27 -19.61 -9.99
C VAL F 66 54.65 -18.96 -9.90
N ASN F 67 54.85 -17.93 -10.72
CA ASN F 67 56.08 -17.18 -10.74
C ASN F 67 56.20 -16.22 -9.55
N GLU F 68 55.08 -15.67 -9.13
CA GLU F 68 55.09 -14.64 -8.11
C GLU F 68 55.23 -15.17 -6.68
N ILE F 69 54.73 -16.37 -6.45
CA ILE F 69 54.56 -16.88 -5.09
C ILE F 69 55.90 -17.15 -4.38
N ALA F 70 56.98 -17.35 -5.16
CA ALA F 70 58.32 -17.52 -4.63
C ALA F 70 59.18 -16.24 -4.63
N GLU F 71 58.56 -15.08 -4.85
CA GLU F 71 59.28 -13.80 -4.94
C GLU F 71 59.22 -12.94 -3.67
N HIS F 72 58.68 -13.51 -2.58
CA HIS F 72 58.53 -12.77 -1.34
C HIS F 72 59.01 -13.62 -0.17
N ASN F 73 60.06 -14.39 -0.38
CA ASN F 73 60.44 -15.40 0.61
C ASN F 73 60.78 -14.87 2.01
N ALA F 74 61.70 -13.91 2.11
CA ALA F 74 62.06 -13.40 3.43
C ALA F 74 60.85 -12.77 4.11
N PHE F 75 60.05 -12.04 3.35
CA PHE F 75 58.81 -11.45 3.85
C PHE F 75 57.91 -12.54 4.45
N PHE F 76 57.67 -13.62 3.71
CA PHE F 76 56.77 -14.63 4.25
C PHE F 76 57.36 -15.33 5.47
N THR F 77 58.68 -15.49 5.53
CA THR F 77 59.27 -16.11 6.71
C THR F 77 59.14 -15.23 7.94
N LYS F 78 59.05 -13.90 7.74
CA LYS F 78 58.85 -12.94 8.84
C LYS F 78 57.39 -12.77 9.26
N ILE F 79 56.49 -13.06 8.33
CA ILE F 79 55.03 -12.89 8.52
C ILE F 79 54.34 -14.15 9.02
N LEU F 80 54.66 -15.29 8.43
CA LEU F 80 53.89 -16.51 8.69
C LEU F 80 54.54 -17.23 9.87
N VAL F 81 54.30 -16.64 11.04
CA VAL F 81 55.08 -16.95 12.24
C VAL F 81 54.62 -18.17 13.03
N THR F 82 53.44 -18.71 12.71
CA THR F 82 53.02 -19.98 13.32
C THR F 82 52.25 -20.80 12.30
N PRO F 83 52.00 -22.09 12.60
CA PRO F 83 51.20 -22.90 11.66
C PRO F 83 49.80 -22.34 11.40
N GLU F 84 49.25 -21.55 12.33
CA GLU F 84 47.93 -20.98 12.09
C GLU F 84 48.00 -19.91 10.99
N TYR F 85 49.11 -19.17 10.91
CA TYR F 85 49.31 -18.24 9.81
C TYR F 85 49.39 -18.99 8.48
N GLU F 86 50.09 -20.14 8.48
CA GLU F 86 50.21 -20.98 7.28
CA GLU F 86 50.20 -20.96 7.28
C GLU F 86 48.84 -21.49 6.82
N LYS F 87 48.03 -21.98 7.77
CA LYS F 87 46.68 -22.44 7.48
C LYS F 87 45.87 -21.33 6.84
N ASN F 88 45.99 -20.11 7.38
CA ASN F 88 45.25 -18.98 6.80
C ASN F 88 45.77 -18.61 5.41
N PHE F 89 47.10 -18.68 5.21
CA PHE F 89 47.65 -18.42 3.89
C PHE F 89 47.06 -19.39 2.88
N MET F 90 47.01 -20.66 3.25
CA MET F 90 46.42 -21.67 2.35
C MET F 90 44.93 -21.40 2.10
N GLY F 91 44.22 -20.92 3.12
CA GLY F 91 42.81 -20.50 2.96
C GLY F 91 42.69 -19.37 1.96
N GLY F 92 43.65 -18.44 1.99
CA GLY F 92 43.68 -17.35 1.02
C GLY F 92 43.91 -17.85 -0.41
N ILE F 93 44.85 -18.79 -0.58
CA ILE F 93 45.07 -19.44 -1.88
C ILE F 93 43.80 -20.13 -2.37
N GLU F 94 43.10 -20.79 -1.45
CA GLU F 94 41.85 -21.46 -1.76
C GLU F 94 40.79 -20.50 -2.28
N ARG F 95 40.72 -19.32 -1.66
CA ARG F 95 39.79 -18.27 -2.09
C ARG F 95 40.21 -17.68 -3.43
N PHE F 96 41.50 -17.43 -3.58
CA PHE F 96 42.07 -16.97 -4.85
C PHE F 96 41.67 -17.92 -6.00
N LEU F 97 41.91 -19.21 -5.82
CA LEU F 97 41.62 -20.20 -6.85
C LEU F 97 40.13 -20.48 -7.00
N GLY F 98 39.47 -20.73 -5.87
CA GLY F 98 38.06 -21.18 -5.88
C GLY F 98 37.04 -20.10 -6.19
N LEU F 99 37.31 -18.87 -5.77
CA LEU F 99 36.35 -17.79 -5.96
C LEU F 99 36.71 -16.92 -7.16
N GLU F 100 38.01 -16.65 -7.32
CA GLU F 100 38.46 -15.64 -8.28
C GLU F 100 39.09 -16.19 -9.56
N HIS F 101 39.71 -17.36 -9.49
CA HIS F 101 40.46 -17.88 -10.64
C HIS F 101 40.27 -19.40 -10.80
N LYS F 102 39.02 -19.82 -11.03
CA LYS F 102 38.71 -21.23 -11.16
C LYS F 102 39.50 -21.92 -12.26
N ASP F 103 39.79 -21.17 -13.32
CA ASP F 103 40.58 -21.71 -14.44
C ASP F 103 42.07 -21.92 -14.07
N LEU F 104 42.48 -21.41 -12.91
CA LEU F 104 43.87 -21.60 -12.45
C LEU F 104 44.00 -22.72 -11.41
N ILE F 105 42.88 -23.38 -11.11
CA ILE F 105 42.88 -24.53 -10.20
C ILE F 105 43.90 -25.65 -10.59
N PRO F 106 44.01 -25.98 -11.90
CA PRO F 106 45.05 -26.95 -12.29
C PRO F 106 46.50 -26.58 -11.90
N LEU F 107 46.73 -25.31 -11.56
CA LEU F 107 48.08 -24.86 -11.17
C LEU F 107 48.38 -25.13 -9.70
N LEU F 108 47.43 -25.69 -8.98
CA LEU F 108 47.60 -25.91 -7.56
C LEU F 108 48.80 -26.79 -7.18
N PRO F 109 48.96 -27.99 -7.79
CA PRO F 109 50.17 -28.76 -7.43
C PRO F 109 51.47 -27.96 -7.59
N LYS F 110 51.59 -27.22 -8.69
CA LYS F 110 52.81 -26.43 -8.92
C LYS F 110 52.97 -25.32 -7.88
N ILE F 111 51.86 -24.71 -7.50
CA ILE F 111 51.86 -23.73 -6.41
C ILE F 111 52.36 -24.39 -5.12
N LEU F 112 51.88 -25.61 -4.84
CA LEU F 112 52.31 -26.33 -3.63
C LEU F 112 53.79 -26.68 -3.68
N VAL F 113 54.27 -27.10 -4.85
CA VAL F 113 55.70 -27.33 -5.05
C VAL F 113 56.52 -26.07 -4.68
N GLN F 114 56.08 -24.91 -5.16
CA GLN F 114 56.79 -23.67 -4.89
C GLN F 114 56.77 -23.35 -3.37
N LEU F 115 55.61 -23.54 -2.74
CA LEU F 115 55.48 -23.23 -1.31
C LEU F 115 56.34 -24.18 -0.46
N TYR F 116 56.34 -25.44 -0.87
CA TYR F 116 57.12 -26.47 -0.21
C TYR F 116 58.62 -26.21 -0.33
N ASN F 117 59.10 -26.01 -1.56
CA ASN F 117 60.55 -25.88 -1.78
C ASN F 117 61.14 -24.63 -1.16
N ASN F 118 60.32 -23.59 -1.07
CA ASN F 118 60.78 -22.31 -0.50
C ASN F 118 60.50 -22.19 1.01
N ASP F 119 60.01 -23.27 1.62
CA ASP F 119 59.72 -23.30 3.07
C ASP F 119 58.68 -22.26 3.50
N ILE F 120 57.78 -21.91 2.59
CA ILE F 120 56.74 -20.92 2.90
C ILE F 120 55.65 -21.58 3.75
N ILE F 121 55.21 -22.76 3.30
CA ILE F 121 54.20 -23.55 4.00
C ILE F 121 54.81 -24.91 4.28
N SER F 122 54.65 -25.36 5.52
CA SER F 122 55.20 -26.65 5.96
C SER F 122 54.53 -27.81 5.25
N GLU F 123 55.24 -28.93 5.19
CA GLU F 123 54.66 -30.17 4.67
C GLU F 123 53.41 -30.52 5.48
N GLU F 124 53.43 -30.29 6.79
CA GLU F 124 52.32 -30.61 7.66
C GLU F 124 51.06 -29.84 7.26
N GLU F 125 51.19 -28.54 6.97
CA GLU F 125 50.03 -27.75 6.59
C GLU F 125 49.58 -28.05 5.15
N ILE F 126 50.52 -28.39 4.27
CA ILE F 126 50.14 -28.78 2.92
C ILE F 126 49.34 -30.09 2.98
N MET F 127 49.79 -31.01 3.83
CA MET F 127 49.09 -32.28 4.02
C MET F 127 47.68 -32.08 4.55
N ARG F 128 47.53 -31.19 5.54
CA ARG F 128 46.20 -30.89 6.10
CA ARG F 128 46.21 -30.94 6.08
C ARG F 128 45.30 -30.38 4.99
N PHE F 129 45.81 -29.41 4.23
CA PHE F 129 45.05 -28.76 3.17
C PHE F 129 44.58 -29.78 2.13
N GLY F 130 45.45 -30.72 1.79
CA GLY F 130 45.16 -31.66 0.71
C GLY F 130 44.45 -32.95 1.12
N THR F 131 44.20 -33.14 2.42
CA THR F 131 43.54 -34.38 2.89
C THR F 131 42.20 -34.14 3.57
N LYS F 132 41.77 -32.88 3.60
CA LYS F 132 40.51 -32.48 4.22
C LYS F 132 39.84 -31.45 3.33
N SER F 133 38.54 -31.33 3.40
CA SER F 133 37.87 -30.15 2.85
C SER F 133 37.37 -29.30 4.00
N SER F 134 37.07 -28.04 3.74
CA SER F 134 36.65 -27.13 4.80
C SER F 134 35.68 -26.10 4.26
N LYS F 135 34.77 -25.63 5.10
CA LYS F 135 33.92 -24.50 4.72
C LYS F 135 34.42 -23.18 5.33
N LYS F 136 35.63 -23.18 5.92
CA LYS F 136 36.11 -22.00 6.63
C LYS F 136 36.40 -20.81 5.70
N PHE F 137 36.95 -21.07 4.53
CA PHE F 137 37.42 -19.99 3.64
C PHE F 137 36.57 -19.85 2.38
N VAL F 138 36.10 -20.98 1.87
CA VAL F 138 35.16 -21.03 0.75
C VAL F 138 34.08 -22.04 1.10
N PRO F 139 32.97 -22.06 0.35
CA PRO F 139 31.98 -23.12 0.62
C PRO F 139 32.59 -24.52 0.44
N LYS F 140 32.07 -25.48 1.19
CA LYS F 140 32.56 -26.86 1.17
C LYS F 140 32.69 -27.50 -0.22
N GLU F 141 31.71 -27.26 -1.12
CA GLU F 141 31.77 -27.80 -2.48
CA GLU F 141 31.77 -27.80 -2.48
C GLU F 141 32.90 -27.17 -3.31
N VAL F 142 33.16 -25.89 -3.09
CA VAL F 142 34.26 -25.19 -3.74
C VAL F 142 35.58 -25.76 -3.18
N SER F 143 35.62 -25.94 -1.86
CA SER F 143 36.79 -26.52 -1.18
C SER F 143 37.18 -27.88 -1.74
N LYS F 144 36.19 -28.75 -1.95
CA LYS F 144 36.41 -30.07 -2.53
C LYS F 144 37.05 -29.95 -3.91
N LYS F 145 36.54 -29.03 -4.73
CA LYS F 145 37.01 -28.82 -6.11
C LYS F 145 38.46 -28.33 -6.14
N VAL F 146 38.77 -27.36 -5.29
CA VAL F 146 40.12 -26.85 -5.22
C VAL F 146 41.07 -27.91 -4.70
N ARG F 147 40.76 -28.48 -3.55
CA ARG F 147 41.72 -29.33 -2.85
C ARG F 147 41.97 -30.67 -3.54
N ARG F 148 41.01 -31.13 -4.35
CA ARG F 148 41.18 -32.33 -5.17
CA ARG F 148 41.19 -32.33 -5.15
C ARG F 148 42.38 -32.20 -6.12
N ALA F 149 42.60 -30.98 -6.62
CA ALA F 149 43.66 -30.70 -7.57
C ALA F 149 45.05 -30.91 -6.94
N ALA F 150 45.12 -30.87 -5.61
CA ALA F 150 46.39 -31.07 -4.89
C ALA F 150 46.86 -32.52 -4.89
N LYS F 151 45.98 -33.46 -5.23
CA LYS F 151 46.26 -34.87 -5.00
C LYS F 151 47.61 -35.41 -5.48
N PRO F 152 48.07 -35.06 -6.71
CA PRO F 152 49.37 -35.59 -7.14
C PRO F 152 50.50 -35.23 -6.19
N PHE F 153 50.49 -34.01 -5.66
CA PHE F 153 51.53 -33.60 -4.75
C PHE F 153 51.40 -34.27 -3.38
N ILE F 154 50.16 -34.42 -2.93
CA ILE F 154 49.91 -35.13 -1.67
C ILE F 154 50.42 -36.58 -1.74
N THR F 155 50.11 -37.26 -2.84
CA THR F 155 50.61 -38.61 -3.04
C THR F 155 52.14 -38.62 -3.02
N TRP F 156 52.75 -37.62 -3.64
CA TRP F 156 54.21 -37.50 -3.65
C TRP F 156 54.76 -37.37 -2.23
N LEU F 157 54.14 -36.51 -1.42
CA LEU F 157 54.58 -36.30 -0.04
C LEU F 157 54.52 -37.59 0.78
N GLU F 158 53.52 -38.43 0.48
CA GLU F 158 53.31 -39.71 1.19
C GLU F 158 54.24 -40.84 0.73
N THR F 159 54.87 -40.68 -0.43
CA THR F 159 55.78 -41.68 -1.00
C THR F 159 57.21 -41.45 -0.52
N ALA F 160 57.62 -40.18 -0.50
CA ALA F 160 58.90 -39.74 0.08
C ALA F 160 58.88 -38.23 0.35
N ASP F 169 75.47 -41.34 -6.51
CA ASP F 169 76.88 -41.16 -6.87
C ASP F 169 77.15 -39.72 -7.31
N GLU F 170 78.02 -39.02 -6.58
CA GLU F 170 78.42 -37.66 -6.91
C GLU F 170 79.12 -37.59 -8.27
N LEU F 171 78.87 -36.52 -9.00
CA LEU F 171 79.37 -36.37 -10.37
C LEU F 171 80.87 -36.08 -10.41
#